data_6XOY
#
_entry.id   6XOY
#
_cell.length_a   184.450
_cell.length_b   57.720
_cell.length_c   67.270
_cell.angle_alpha   90.000
_cell.angle_beta   95.466
_cell.angle_gamma   90.000
#
_symmetry.space_group_name_H-M   'C 1 2 1'
#
loop_
_entity.id
_entity.type
_entity.pdbx_description
1 polymer 'Tryptophan synthase alpha chain'
2 polymer 'Tryptophan synthase beta chain'
3 non-polymer 'DIMETHYL SULFOXIDE'
4 non-polymer SN-GLYCEROL-1-PHOSPHATE
5 non-polymer (E)-N-({3-hydroxy-2-methyl-5-[(phosphonooxy)methyl]pyridin-4-yl}methylidene)-D-tryptophan
6 non-polymer 'SODIUM ION'
7 water water
#
loop_
_entity_poly.entity_id
_entity_poly.type
_entity_poly.pdbx_seq_one_letter_code
_entity_poly.pdbx_strand_id
1 'polypeptide(L)'
;MERYENLFAQLNDRREGAFVPFVTLGDPGIEQSLKIIDTLIDAGADALELGVPFSDPLADGPTIQNANLRAFAAGVTPAQ
CFEMLALIREKHPTIPIGLLMYANLVFNNGIDAFYARCEQVGVDSVLVADVPVEESAPFRQAALRHNIAPIFICPPNADD
DLLRQVASYGRGYTYLLSRSGVTGAENRGALPLHHLIEKLKEYHAAPALQGFGISSPEQVSAAVRAGAAGAISGSAIVKI
IEKNLASPKQMLAELRSFVSAMKAASRA
;
A
2 'polypeptide(L)'
;MTTLLNPYFGEFGGMYVPQILMPALNQLEEAFVSAQKDPEFQAQFADLLKNYAGRPTALTKCQNITAGTRTTLYLKREDL
LHGGAHKTNQVLGQALLAKRMGKSEIIAETGAGQHGVASALASALLGLKCRIYMGAKDVERQSPNVFRMRLMGAEVIPVH
SGSATLKDACNEALRDWSGSYETAHYMLGTAAGPHPYPTIVREFQRMIGEETKAQILDKEGRLPDAVIACVGGGSNAIGM
FADFINDTSVGLIGVEPGGHGIETGEHGAPLKHGRVGIYFGMKAPMMQTADGQIEESYSISAGLDFPSVGPQHAYLNSIG
RADYVSITDDEALEAFKTLCRHEGIIPALESSHALAHALKMMREQPEKEQLLVVNLSGRGDKDIFTVHDILKARGEI
;
B
#
loop_
_chem_comp.id
_chem_comp.type
_chem_comp.name
_chem_comp.formula
1GP non-polymer SN-GLYCEROL-1-PHOSPHATE 'C3 H9 O6 P'
DMS non-polymer 'DIMETHYL SULFOXIDE' 'C2 H6 O S'
NA non-polymer 'SODIUM ION' 'Na 1'
VB4 non-polymer (E)-N-({3-hydroxy-2-methyl-5-[(phosphonooxy)methyl]pyridin-4-yl}methylidene)-D-tryptophan 'C19 H20 N3 O7 P'
#
# COMPACT_ATOMS: atom_id res chain seq x y z
N GLU A 2 27.48 -11.80 23.11
CA GLU A 2 26.30 -11.27 22.42
C GLU A 2 25.39 -10.58 23.42
N ARG A 3 25.02 -9.32 23.12
CA ARG A 3 24.44 -8.45 24.14
C ARG A 3 23.09 -8.95 24.62
N TYR A 4 22.27 -9.53 23.75
CA TYR A 4 20.97 -10.02 24.19
C TYR A 4 21.10 -11.20 25.12
N GLU A 5 21.95 -12.17 24.76
CA GLU A 5 22.14 -13.32 25.61
C GLU A 5 22.65 -12.90 26.99
N ASN A 6 23.60 -11.97 27.01
CA ASN A 6 24.13 -11.47 28.27
C ASN A 6 23.05 -10.79 29.09
N LEU A 7 22.26 -9.93 28.45
CA LEU A 7 21.19 -9.25 29.14
C LEU A 7 20.22 -10.23 29.79
N PHE A 8 19.67 -11.15 28.99
CA PHE A 8 18.65 -12.07 29.48
C PHE A 8 19.22 -13.02 30.54
N ALA A 9 20.51 -13.36 30.45
CA ALA A 9 21.11 -14.18 31.48
C ALA A 9 21.15 -13.44 32.83
N GLN A 10 21.51 -12.15 32.80
CA GLN A 10 21.53 -11.36 34.02
C GLN A 10 20.14 -11.19 34.60
N LEU A 11 19.17 -10.79 33.75
CA LEU A 11 17.80 -10.59 34.24
C LEU A 11 17.26 -11.88 34.83
N ASN A 12 17.57 -13.01 34.21
CA ASN A 12 17.12 -14.29 34.75
C ASN A 12 17.69 -14.52 36.15
N ASP A 13 18.97 -14.24 36.33
CA ASP A 13 19.57 -14.38 37.64
C ASP A 13 18.84 -13.54 38.66
N ARG A 14 18.51 -12.30 38.30
CA ARG A 14 17.90 -11.36 39.24
C ARG A 14 16.38 -11.53 39.38
N ARG A 15 15.77 -12.52 38.72
CA ARG A 15 14.33 -12.72 38.77
C ARG A 15 13.60 -11.49 38.20
N GLU A 16 14.07 -11.03 37.05
CA GLU A 16 13.59 -9.79 36.49
C GLU A 16 13.22 -9.97 35.02
N GLY A 17 12.31 -9.12 34.58
CA GLY A 17 12.02 -9.01 33.15
C GLY A 17 12.61 -7.74 32.61
N ALA A 18 12.77 -7.69 31.30
CA ALA A 18 13.33 -6.51 30.64
C ALA A 18 12.26 -5.46 30.38
N PHE A 19 12.57 -4.21 30.67
CA PHE A 19 11.76 -3.11 30.16
C PHE A 19 12.49 -2.44 28.99
N VAL A 20 11.81 -2.35 27.85
CA VAL A 20 12.46 -1.90 26.60
C VAL A 20 11.68 -0.76 25.97
N PRO A 21 12.12 0.49 26.17
CA PRO A 21 11.43 1.61 25.54
C PRO A 21 11.76 1.67 24.04
N PHE A 22 10.79 2.18 23.29
CA PHE A 22 10.98 2.55 21.89
C PHE A 22 10.83 4.06 21.74
N VAL A 23 11.73 4.66 20.98
CA VAL A 23 11.55 6.04 20.50
C VAL A 23 11.93 6.06 19.03
N THR A 24 11.49 7.10 18.35
CA THR A 24 11.89 7.40 16.99
C THR A 24 13.17 8.22 17.05
N LEU A 25 14.20 7.75 16.36
CA LEU A 25 15.46 8.48 16.32
C LEU A 25 15.26 9.85 15.70
N GLY A 26 15.72 10.86 16.41
CA GLY A 26 15.69 12.21 15.89
C GLY A 26 14.45 12.98 16.24
N ASP A 27 13.54 12.39 17.02
CA ASP A 27 12.33 13.05 17.46
C ASP A 27 12.59 13.63 18.85
N PRO A 28 12.49 14.96 19.05
CA PRO A 28 12.04 16.02 18.14
C PRO A 28 13.18 16.66 17.37
N GLY A 29 14.40 16.30 17.76
CA GLY A 29 15.61 16.75 17.11
C GLY A 29 16.73 15.79 17.47
N ILE A 30 17.85 15.94 16.79
CA ILE A 30 18.99 15.05 17.01
C ILE A 30 19.47 15.14 18.46
N GLU A 31 19.70 16.37 18.93
CA GLU A 31 20.29 16.57 20.25
C GLU A 31 19.36 16.13 21.36
N GLN A 32 18.07 16.49 21.28
CA GLN A 32 17.15 16.11 22.33
C GLN A 32 16.88 14.62 22.32
N SER A 33 16.87 14.02 21.13
CA SER A 33 16.71 12.59 21.00
C SER A 33 17.85 11.84 21.70
N LEU A 34 19.09 12.31 21.53
CA LEU A 34 20.24 11.71 22.23
C LEU A 34 20.10 11.87 23.73
N LYS A 35 19.68 13.07 24.19
CA LYS A 35 19.42 13.26 25.62
C LYS A 35 18.30 12.36 26.11
N ILE A 36 17.25 12.21 25.32
CA ILE A 36 16.13 11.33 25.71
C ILE A 36 16.62 9.90 25.92
N ILE A 37 17.40 9.38 24.99
CA ILE A 37 17.82 8.00 25.08
C ILE A 37 18.75 7.80 26.26
N ASP A 38 19.62 8.78 26.52
CA ASP A 38 20.49 8.68 27.68
C ASP A 38 19.67 8.67 28.96
N THR A 39 18.53 9.36 28.97
CA THR A 39 17.66 9.36 30.14
C THR A 39 16.93 8.04 30.29
N LEU A 40 16.41 7.48 29.20
CA LEU A 40 15.77 6.17 29.28
C LEU A 40 16.71 5.14 29.89
N ILE A 41 17.94 5.10 29.40
CA ILE A 41 18.94 4.17 29.95
C ILE A 41 19.18 4.46 31.42
N ASP A 42 19.49 5.71 31.75
CA ASP A 42 19.86 6.01 33.12
C ASP A 42 18.70 5.72 34.06
N ALA A 43 17.46 5.84 33.56
CA ALA A 43 16.27 5.62 34.36
C ALA A 43 15.91 4.15 34.52
N GLY A 44 16.58 3.24 33.80
CA GLY A 44 16.38 1.81 34.00
C GLY A 44 16.16 0.94 32.78
N ALA A 45 16.13 1.51 31.57
CA ALA A 45 15.91 0.70 30.38
C ALA A 45 16.96 -0.40 30.28
N ASP A 46 16.52 -1.65 30.05
CA ASP A 46 17.44 -2.77 29.85
C ASP A 46 17.93 -2.86 28.42
N ALA A 47 17.12 -2.45 27.47
CA ALA A 47 17.46 -2.49 26.06
C ALA A 47 16.81 -1.31 25.40
N LEU A 48 17.12 -1.14 24.14
CA LEU A 48 16.53 -0.07 23.34
C LEU A 48 15.93 -0.65 22.07
N GLU A 49 14.79 -0.09 21.68
CA GLU A 49 14.25 -0.24 20.33
C GLU A 49 14.17 1.14 19.71
N LEU A 50 14.70 1.28 18.51
CA LEU A 50 14.89 2.59 17.91
C LEU A 50 14.35 2.54 16.49
N GLY A 51 13.50 3.50 16.17
CA GLY A 51 12.92 3.61 14.83
C GLY A 51 13.65 4.63 13.99
N VAL A 52 13.70 4.38 12.69
CA VAL A 52 14.22 5.34 11.73
C VAL A 52 13.03 5.99 11.03
N PRO A 53 12.87 7.30 11.09
CA PRO A 53 11.69 7.95 10.47
C PRO A 53 11.49 7.49 9.03
N PHE A 54 10.27 7.06 8.73
CA PHE A 54 9.89 6.62 7.40
C PHE A 54 8.68 7.44 6.94
N SER A 55 8.64 7.74 5.62
CA SER A 55 7.57 8.60 5.11
C SER A 55 6.18 8.00 5.31
N ASP A 56 6.06 6.66 5.31
CA ASP A 56 4.75 5.99 5.30
C ASP A 56 4.73 4.83 6.30
N PRO A 57 4.65 5.12 7.60
CA PRO A 57 4.76 4.04 8.61
C PRO A 57 3.47 3.31 8.86
N LEU A 58 3.21 2.28 8.04
CA LEU A 58 1.92 1.61 8.00
C LEU A 58 1.64 0.64 9.14
N ALA A 59 2.57 0.47 10.10
CA ALA A 59 2.26 -0.29 11.30
C ALA A 59 2.12 0.59 12.53
N ASP A 60 2.11 1.91 12.34
CA ASP A 60 2.06 2.88 13.43
C ASP A 60 0.80 3.71 13.41
N GLY A 61 0.23 3.88 14.61
CA GLY A 61 -0.87 4.79 14.83
C GLY A 61 -0.42 6.22 14.94
N PRO A 62 -1.34 7.10 15.29
CA PRO A 62 -1.04 8.55 15.18
C PRO A 62 0.12 9.04 16.04
N THR A 63 0.30 8.51 17.24
CA THR A 63 1.37 9.01 18.09
C THR A 63 2.73 8.85 17.42
N ILE A 64 3.01 7.68 16.86
CA ILE A 64 4.32 7.50 16.26
C ILE A 64 4.36 8.05 14.85
N GLN A 65 3.20 8.19 14.19
CA GLN A 65 3.19 8.91 12.91
C GLN A 65 3.69 10.33 13.13
N ASN A 66 3.20 10.98 14.19
CA ASN A 66 3.62 12.37 14.43
C ASN A 66 5.06 12.45 14.90
N ALA A 67 5.59 11.42 15.55
CA ALA A 67 7.00 11.39 15.89
C ALA A 67 7.87 11.39 14.62
N ASN A 68 7.50 10.55 13.66
CA ASN A 68 8.16 10.59 12.36
C ASN A 68 8.09 11.99 11.76
N LEU A 69 6.90 12.60 11.77
CA LEU A 69 6.77 13.92 11.18
C LEU A 69 7.69 14.94 11.86
N ARG A 70 7.83 14.84 13.19
CA ARG A 70 8.71 15.76 13.91
C ARG A 70 10.16 15.55 13.48
N ALA A 71 10.58 14.31 13.34
CA ALA A 71 11.95 14.06 12.92
C ALA A 71 12.19 14.64 11.53
N PHE A 72 11.23 14.46 10.64
CA PHE A 72 11.35 15.03 9.30
C PHE A 72 11.38 16.55 9.35
N ALA A 73 10.58 17.17 10.22
CA ALA A 73 10.63 18.61 10.36
C ALA A 73 11.99 19.09 10.83
N ALA A 74 12.78 18.22 11.47
CA ALA A 74 14.14 18.54 11.88
C ALA A 74 15.17 18.17 10.82
N GLY A 75 14.74 17.59 9.71
CA GLY A 75 15.66 17.19 8.66
C GLY A 75 16.29 15.84 8.87
N VAL A 76 15.74 15.03 9.77
CA VAL A 76 16.37 13.76 10.12
C VAL A 76 16.39 12.83 8.92
N THR A 77 17.57 12.42 8.51
CA THR A 77 17.76 11.43 7.47
C THR A 77 18.25 10.11 8.06
N PRO A 78 18.08 9.01 7.34
CA PRO A 78 18.70 7.75 7.79
C PRO A 78 20.21 7.89 8.02
N ALA A 79 20.94 8.66 7.19
CA ALA A 79 22.36 8.78 7.45
C ALA A 79 22.62 9.42 8.81
N GLN A 80 21.85 10.46 9.15
CA GLN A 80 22.00 11.06 10.47
C GLN A 80 21.61 10.09 11.58
N CYS A 81 20.64 9.21 11.32
CA CYS A 81 20.26 8.24 12.34
C CYS A 81 21.41 7.26 12.62
N PHE A 82 22.12 6.83 11.57
CA PHE A 82 23.27 5.94 11.78
C PHE A 82 24.40 6.65 12.51
N GLU A 83 24.61 7.94 12.25
CA GLU A 83 25.56 8.70 13.07
C GLU A 83 25.17 8.70 14.55
N MET A 84 23.86 8.87 14.83
CA MET A 84 23.39 8.84 16.21
C MET A 84 23.60 7.47 16.82
N LEU A 85 23.21 6.44 16.09
CA LEU A 85 23.46 5.07 16.53
C LEU A 85 24.93 4.80 16.88
N ALA A 86 25.87 5.29 16.06
CA ALA A 86 27.28 5.08 16.38
C ALA A 86 27.65 5.76 17.69
N LEU A 87 27.14 6.97 17.93
CA LEU A 87 27.44 7.67 19.17
C LEU A 87 26.82 6.96 20.37
N ILE A 88 25.56 6.52 20.25
CA ILE A 88 24.88 5.84 21.33
C ILE A 88 25.64 4.60 21.76
N ARG A 89 26.12 3.84 20.79
CA ARG A 89 26.91 2.64 21.08
C ARG A 89 28.22 2.96 21.77
N GLU A 90 28.89 4.04 21.36
CA GLU A 90 30.12 4.45 22.02
C GLU A 90 29.86 4.87 23.47
N LYS A 91 28.67 5.38 23.76
CA LYS A 91 28.35 5.76 25.14
C LYS A 91 28.00 4.57 26.01
N HIS A 92 27.35 3.56 25.43
CA HIS A 92 26.74 2.48 26.15
C HIS A 92 27.15 1.17 25.51
N PRO A 93 28.31 0.64 25.86
CA PRO A 93 28.83 -0.54 25.16
C PRO A 93 28.08 -1.83 25.40
N THR A 94 27.30 -1.94 26.48
CA THR A 94 26.67 -3.24 26.76
C THR A 94 25.18 -3.31 26.42
N ILE A 95 24.48 -2.18 26.34
CA ILE A 95 23.03 -2.27 26.18
C ILE A 95 22.69 -2.83 24.79
N PRO A 96 21.72 -3.75 24.67
CA PRO A 96 21.30 -4.17 23.33
C PRO A 96 20.57 -3.04 22.64
N ILE A 97 20.94 -2.82 21.38
CA ILE A 97 20.35 -1.78 20.53
C ILE A 97 19.64 -2.50 19.37
N GLY A 98 18.33 -2.37 19.31
CA GLY A 98 17.53 -2.96 18.23
C GLY A 98 16.95 -1.85 17.38
N LEU A 99 16.85 -2.11 16.07
CA LEU A 99 16.17 -1.20 15.15
C LEU A 99 14.84 -1.78 14.73
N LEU A 100 13.85 -0.90 14.62
CA LEU A 100 12.55 -1.25 14.04
C LEU A 100 12.50 -0.49 12.71
N MET A 101 12.52 -1.22 11.62
CA MET A 101 12.70 -0.65 10.31
C MET A 101 11.50 -0.96 9.45
N TYR A 102 11.25 -0.08 8.50
CA TYR A 102 10.43 -0.41 7.36
C TYR A 102 11.29 -0.91 6.21
N ALA A 103 10.73 -1.86 5.47
CA ALA A 103 11.46 -2.59 4.47
C ALA A 103 12.16 -1.69 3.46
N ASN A 104 11.47 -0.63 2.99
CA ASN A 104 12.11 0.11 1.88
C ASN A 104 13.43 0.75 2.35
N LEU A 105 13.51 1.19 3.61
CA LEU A 105 14.75 1.84 4.04
C LEU A 105 15.91 0.82 4.09
N VAL A 106 15.57 -0.44 4.36
CA VAL A 106 16.57 -1.51 4.34
C VAL A 106 16.93 -1.89 2.94
N PHE A 107 15.96 -1.95 2.06
CA PHE A 107 16.19 -2.51 0.74
C PHE A 107 16.77 -1.49 -0.24
N ASN A 108 16.46 -0.22 0.00
N ASN A 108 16.51 -0.20 -0.08
CA ASN A 108 16.66 0.89 -0.90
CA ASN A 108 16.62 0.62 -1.30
C ASN A 108 18.02 0.86 -1.54
C ASN A 108 18.06 1.07 -1.63
N ASN A 109 19.02 1.02 -0.71
CA ASN A 109 20.42 1.16 -1.10
C ASN A 109 21.16 -0.19 -1.05
N GLY A 110 20.43 -1.31 -1.05
CA GLY A 110 21.04 -2.62 -0.95
C GLY A 110 20.85 -3.24 0.43
N ILE A 111 20.23 -4.40 0.47
CA ILE A 111 20.02 -5.04 1.79
C ILE A 111 21.36 -5.26 2.50
N ASP A 112 22.33 -5.85 1.79
CA ASP A 112 23.59 -6.15 2.45
C ASP A 112 24.27 -4.89 2.97
N ALA A 113 24.20 -3.82 2.20
CA ALA A 113 24.87 -2.59 2.64
C ALA A 113 24.22 -2.06 3.89
N PHE A 114 22.89 -2.20 4.02
CA PHE A 114 22.22 -1.72 5.22
C PHE A 114 22.74 -2.46 6.44
N TYR A 115 22.77 -3.78 6.36
CA TYR A 115 23.18 -4.52 7.57
C TYR A 115 24.66 -4.35 7.84
N ALA A 116 25.45 -4.12 6.77
CA ALA A 116 26.88 -3.81 6.96
C ALA A 116 27.05 -2.51 7.72
N ARG A 117 26.21 -1.53 7.43
CA ARG A 117 26.26 -0.27 8.16
C ARG A 117 25.77 -0.46 9.59
N CYS A 118 24.72 -1.28 9.81
CA CYS A 118 24.32 -1.65 11.17
C CYS A 118 25.48 -2.26 11.96
N GLU A 119 26.26 -3.14 11.35
CA GLU A 119 27.38 -3.74 12.08
C GLU A 119 28.44 -2.68 12.38
N GLN A 120 28.69 -1.77 11.43
CA GLN A 120 29.71 -0.75 11.65
C GLN A 120 29.40 0.11 12.85
N VAL A 121 28.11 0.44 13.06
CA VAL A 121 27.76 1.32 14.16
C VAL A 121 27.43 0.57 15.46
N GLY A 122 27.33 -0.76 15.44
CA GLY A 122 27.14 -1.52 16.66
C GLY A 122 25.69 -1.88 17.00
N VAL A 123 24.82 -1.93 16.02
CA VAL A 123 23.44 -2.38 16.23
C VAL A 123 23.46 -3.88 16.52
N ASP A 124 22.59 -4.33 17.42
CA ASP A 124 22.49 -5.75 17.80
C ASP A 124 21.38 -6.52 17.10
N SER A 125 20.29 -5.89 16.72
CA SER A 125 19.19 -6.58 16.07
C SER A 125 18.41 -5.62 15.16
N VAL A 126 17.72 -6.21 14.18
CA VAL A 126 16.86 -5.50 13.28
C VAL A 126 15.54 -6.27 13.12
N LEU A 127 14.43 -5.57 13.35
CA LEU A 127 13.09 -6.03 13.00
CA LEU A 127 13.09 -6.03 13.00
C LEU A 127 12.64 -5.23 11.80
N VAL A 128 12.16 -5.91 10.76
CA VAL A 128 11.64 -5.25 9.57
C VAL A 128 10.14 -5.45 9.61
N ALA A 129 9.43 -4.37 9.86
CA ALA A 129 8.01 -4.49 10.24
C ALA A 129 7.18 -5.10 9.12
N ASP A 130 7.52 -4.83 7.87
CA ASP A 130 6.66 -5.25 6.76
C ASP A 130 7.36 -6.36 5.94
N VAL A 131 8.22 -7.13 6.58
CA VAL A 131 8.80 -8.34 5.98
C VAL A 131 8.41 -9.53 6.86
N PRO A 132 7.38 -10.28 6.46
CA PRO A 132 7.03 -11.49 7.22
C PRO A 132 8.12 -12.54 7.06
N VAL A 133 8.07 -13.54 7.94
CA VAL A 133 9.10 -14.57 7.89
C VAL A 133 9.14 -15.25 6.53
N GLU A 134 8.01 -15.32 5.84
CA GLU A 134 7.92 -15.94 4.53
C GLU A 134 8.79 -15.19 3.47
N GLU A 135 9.07 -13.92 3.67
CA GLU A 135 9.82 -13.10 2.72
C GLU A 135 11.24 -12.81 3.23
N SER A 136 11.59 -13.37 4.37
CA SER A 136 12.71 -12.81 5.09
C SER A 136 14.09 -13.30 4.65
N ALA A 137 14.16 -14.30 3.78
CA ALA A 137 15.46 -14.95 3.54
C ALA A 137 16.61 -13.98 3.28
N PRO A 138 16.51 -13.08 2.30
CA PRO A 138 17.69 -12.21 2.05
C PRO A 138 17.98 -11.27 3.21
N PHE A 139 16.96 -10.89 3.97
CA PHE A 139 17.16 -10.04 5.14
C PHE A 139 17.83 -10.82 6.26
N ARG A 140 17.33 -12.04 6.52
CA ARG A 140 17.93 -12.88 7.57
C ARG A 140 19.38 -13.17 7.28
N GLN A 141 19.66 -13.56 6.05
CA GLN A 141 21.02 -13.91 5.68
C GLN A 141 21.93 -12.72 5.86
N ALA A 142 21.48 -11.53 5.43
CA ALA A 142 22.37 -10.38 5.55
C ALA A 142 22.56 -9.97 7.01
N ALA A 143 21.48 -10.00 7.82
CA ALA A 143 21.67 -9.80 9.25
C ALA A 143 22.71 -10.74 9.82
N LEU A 144 22.54 -12.04 9.60
CA LEU A 144 23.44 -13.00 10.25
C LEU A 144 24.85 -12.83 9.76
N ARG A 145 25.01 -12.58 8.48
CA ARG A 145 26.33 -12.35 7.90
C ARG A 145 27.03 -11.18 8.54
N HIS A 146 26.30 -10.19 9.04
CA HIS A 146 26.89 -9.04 9.69
C HIS A 146 26.73 -9.07 11.20
N ASN A 147 26.50 -10.25 11.77
CA ASN A 147 26.40 -10.44 13.22
C ASN A 147 25.28 -9.59 13.83
N ILE A 148 24.16 -9.52 13.11
CA ILE A 148 22.97 -8.81 13.54
C ILE A 148 21.91 -9.86 13.78
N ALA A 149 21.18 -9.73 14.89
CA ALA A 149 20.06 -10.66 15.15
C ALA A 149 18.82 -10.28 14.32
N PRO A 150 18.28 -11.18 13.51
CA PRO A 150 16.99 -10.92 12.84
C PRO A 150 15.84 -11.18 13.80
N ILE A 151 14.99 -10.19 14.00
CA ILE A 151 13.89 -10.31 14.94
C ILE A 151 12.61 -10.64 14.13
N PHE A 152 11.84 -11.59 14.64
CA PHE A 152 10.58 -11.98 14.01
C PHE A 152 9.43 -11.82 14.99
N ILE A 153 8.24 -11.59 14.44
CA ILE A 153 7.05 -11.28 15.21
C ILE A 153 6.24 -12.55 15.37
N CYS A 154 5.77 -12.80 16.62
CA CYS A 154 4.83 -13.84 16.93
C CYS A 154 3.48 -13.17 17.13
N PRO A 155 2.55 -13.25 16.18
CA PRO A 155 1.29 -12.59 16.35
C PRO A 155 0.31 -13.44 17.12
N PRO A 156 -0.69 -12.83 17.74
CA PRO A 156 -1.63 -13.62 18.55
C PRO A 156 -2.43 -14.61 17.73
N ASN A 157 -2.47 -14.44 16.39
CA ASN A 157 -3.12 -15.44 15.55
C ASN A 157 -2.13 -16.46 15.00
N ALA A 158 -0.95 -16.58 15.60
CA ALA A 158 0.05 -17.52 15.10
C ALA A 158 -0.44 -18.96 15.21
N ASP A 159 -0.04 -19.77 14.22
CA ASP A 159 -0.26 -21.21 14.21
C ASP A 159 1.07 -21.92 14.45
N ASP A 160 1.00 -23.24 14.53
CA ASP A 160 2.15 -24.01 14.98
C ASP A 160 3.29 -23.93 13.98
N ASP A 161 2.97 -23.99 12.70
CA ASP A 161 4.00 -23.89 11.66
C ASP A 161 4.76 -22.58 11.76
N LEU A 162 4.06 -21.49 12.08
CA LEU A 162 4.73 -20.21 12.23
C LEU A 162 5.52 -20.14 13.53
N LEU A 163 5.00 -20.72 14.62
CA LEU A 163 5.78 -20.80 15.86
C LEU A 163 7.15 -21.47 15.61
N ARG A 164 7.13 -22.59 14.90
CA ARG A 164 8.38 -23.31 14.63
C ARG A 164 9.32 -22.48 13.77
N GLN A 165 8.79 -21.76 12.79
CA GLN A 165 9.64 -20.92 11.96
C GLN A 165 10.28 -19.81 12.77
N VAL A 166 9.46 -19.07 13.52
CA VAL A 166 9.97 -17.97 14.34
C VAL A 166 11.01 -18.48 15.32
N ALA A 167 10.73 -19.62 15.95
CA ALA A 167 11.69 -20.19 16.91
C ALA A 167 13.01 -20.54 16.22
N SER A 168 12.93 -21.09 15.02
CA SER A 168 14.13 -21.56 14.34
C SER A 168 14.95 -20.42 13.74
N TYR A 169 14.27 -19.41 13.17
CA TYR A 169 14.97 -18.38 12.40
C TYR A 169 15.32 -17.14 13.21
N GLY A 170 14.58 -16.85 14.28
CA GLY A 170 14.81 -15.66 15.05
C GLY A 170 15.99 -15.79 15.99
N ARG A 171 16.58 -14.64 16.31
CA ARG A 171 17.67 -14.56 17.26
C ARG A 171 17.52 -13.31 18.12
N GLY A 172 18.15 -13.35 19.29
CA GLY A 172 18.11 -12.23 20.20
C GLY A 172 16.87 -12.21 21.09
N TYR A 173 15.74 -11.85 20.50
CA TYR A 173 14.45 -11.91 21.19
C TYR A 173 13.36 -12.19 20.16
N THR A 174 12.24 -12.71 20.63
CA THR A 174 11.05 -12.84 19.82
C THR A 174 10.11 -11.68 20.16
N TYR A 175 9.52 -11.05 19.14
CA TYR A 175 8.59 -9.95 19.37
C TYR A 175 7.19 -10.54 19.46
N LEU A 176 6.62 -10.48 20.67
CA LEU A 176 5.32 -11.05 20.98
C LEU A 176 4.28 -9.94 20.89
N LEU A 177 3.41 -10.01 19.91
CA LEU A 177 2.46 -8.94 19.64
C LEU A 177 1.29 -9.08 20.61
N SER A 178 0.92 -7.97 21.26
CA SER A 178 -0.15 -7.99 22.25
C SER A 178 -1.54 -8.12 21.64
N ARG A 179 -1.69 -7.73 20.39
CA ARG A 179 -3.02 -7.60 19.78
C ARG A 179 -2.83 -7.25 18.30
N SER A 180 -3.92 -7.29 17.58
CA SER A 180 -3.99 -6.81 16.21
C SER A 180 -3.97 -5.28 16.19
N GLY A 181 -3.90 -4.72 14.97
CA GLY A 181 -3.94 -3.28 14.81
C GLY A 181 -2.54 -2.67 14.76
N VAL A 182 -2.49 -1.35 14.91
CA VAL A 182 -1.25 -0.61 14.82
C VAL A 182 -0.85 -0.13 16.22
N THR A 183 0.36 0.40 16.30
CA THR A 183 0.87 0.87 17.57
C THR A 183 -0.07 1.91 18.16
N GLY A 184 -0.04 2.02 19.49
CA GLY A 184 -0.79 3.06 20.15
C GLY A 184 -1.01 2.73 21.61
N ALA A 185 -0.79 3.72 22.48
CA ALA A 185 -0.98 3.50 23.90
C ALA A 185 -2.45 3.45 24.30
N GLU A 186 -3.33 4.05 23.49
CA GLU A 186 -4.75 4.12 23.84
C GLU A 186 -5.40 2.75 23.80
N ASN A 187 -4.88 1.84 22.98
CA ASN A 187 -5.47 0.52 22.74
C ASN A 187 -4.64 -0.53 23.47
N ARG A 188 -5.19 -1.08 24.55
CA ARG A 188 -4.49 -2.09 25.32
C ARG A 188 -4.89 -3.47 24.85
N GLY A 189 -3.90 -4.33 24.65
CA GLY A 189 -4.20 -5.72 24.34
C GLY A 189 -4.89 -6.41 25.49
N ALA A 190 -5.77 -7.36 25.14
CA ALA A 190 -6.56 -8.07 26.13
C ALA A 190 -6.48 -9.59 26.03
N LEU A 191 -5.97 -10.14 24.93
CA LEU A 191 -5.93 -11.59 24.80
C LEU A 191 -4.84 -12.18 25.69
N PRO A 192 -5.10 -13.30 26.37
CA PRO A 192 -4.03 -13.96 27.10
C PRO A 192 -3.08 -14.67 26.17
N LEU A 193 -1.78 -14.57 26.46
CA LEU A 193 -0.77 -15.10 25.57
C LEU A 193 0.07 -16.22 26.18
N HIS A 194 -0.32 -16.74 27.36
CA HIS A 194 0.44 -17.79 28.02
C HIS A 194 0.71 -18.96 27.07
N HIS A 195 -0.29 -19.29 26.25
CA HIS A 195 -0.18 -20.44 25.37
C HIS A 195 0.96 -20.24 24.35
N LEU A 196 0.99 -19.07 23.71
CA LEU A 196 2.06 -18.79 22.74
C LEU A 196 3.42 -18.72 23.43
N ILE A 197 3.49 -18.04 24.58
CA ILE A 197 4.76 -17.90 25.30
C ILE A 197 5.34 -19.27 25.60
N GLU A 198 4.50 -20.21 26.06
CA GLU A 198 5.00 -21.52 26.44
C GLU A 198 5.44 -22.33 25.23
N LYS A 199 4.70 -22.22 24.12
CA LYS A 199 5.11 -22.89 22.89
C LYS A 199 6.48 -22.41 22.42
N LEU A 200 6.70 -21.11 22.45
CA LEU A 200 7.98 -20.58 22.04
C LEU A 200 9.11 -21.16 22.89
N LYS A 201 8.88 -21.29 24.21
CA LYS A 201 9.92 -21.86 25.07
C LYS A 201 10.15 -23.32 24.73
N GLU A 202 9.06 -24.06 24.50
CA GLU A 202 9.18 -25.46 24.10
C GLU A 202 10.03 -25.61 22.85
N TYR A 203 9.91 -24.67 21.92
CA TYR A 203 10.65 -24.74 20.65
C TYR A 203 12.00 -24.06 20.72
N HIS A 204 12.43 -23.59 21.89
CA HIS A 204 13.74 -22.94 22.06
C HIS A 204 13.84 -21.63 21.30
N ALA A 205 12.76 -20.86 21.32
CA ALA A 205 12.77 -19.55 20.67
C ALA A 205 13.60 -18.57 21.50
N ALA A 206 14.06 -17.52 20.84
CA ALA A 206 14.67 -16.42 21.58
C ALA A 206 13.64 -15.85 22.57
N PRO A 207 14.10 -15.32 23.70
CA PRO A 207 13.16 -14.87 24.74
C PRO A 207 12.17 -13.84 24.19
N ALA A 208 10.95 -13.88 24.69
CA ALA A 208 9.88 -13.05 24.11
C ALA A 208 9.73 -11.75 24.89
N LEU A 209 9.71 -10.65 24.15
CA LEU A 209 9.27 -9.35 24.63
C LEU A 209 7.90 -9.02 24.05
N GLN A 210 6.98 -8.64 24.91
CA GLN A 210 5.63 -8.31 24.46
C GLN A 210 5.59 -6.83 24.11
N GLY A 211 4.96 -6.52 22.97
CA GLY A 211 4.77 -5.13 22.60
C GLY A 211 3.43 -4.87 21.93
N PHE A 212 3.10 -3.56 21.84
CA PHE A 212 1.89 -2.92 21.36
C PHE A 212 0.94 -2.60 22.53
N GLY A 213 0.57 -1.32 22.69
CA GLY A 213 -0.41 -0.94 23.69
C GLY A 213 -0.02 -1.15 25.15
N ILE A 214 1.28 -1.19 25.45
CA ILE A 214 1.75 -1.33 26.83
C ILE A 214 2.14 0.06 27.30
N SER A 215 1.42 0.57 28.29
CA SER A 215 1.55 1.97 28.68
C SER A 215 1.44 2.18 30.18
N SER A 216 1.33 1.12 30.97
CA SER A 216 1.19 1.23 32.42
C SER A 216 2.13 0.23 33.08
N PRO A 217 2.56 0.50 34.31
CA PRO A 217 3.34 -0.52 35.04
C PRO A 217 2.56 -1.82 35.20
N GLU A 218 1.24 -1.75 35.34
CA GLU A 218 0.45 -2.97 35.57
C GLU A 218 0.54 -3.91 34.38
N GLN A 219 0.62 -3.36 33.16
CA GLN A 219 0.77 -4.23 32.00
C GLN A 219 2.14 -4.85 31.96
N VAL A 220 3.17 -4.14 32.42
CA VAL A 220 4.50 -4.72 32.41
C VAL A 220 4.57 -5.93 33.33
N SER A 221 4.13 -5.78 34.60
CA SER A 221 4.15 -6.91 35.51
C SER A 221 3.32 -8.07 34.95
N ALA A 222 2.23 -7.77 34.25
CA ALA A 222 1.36 -8.84 33.76
C ALA A 222 2.04 -9.64 32.66
N ALA A 223 2.77 -8.97 31.74
CA ALA A 223 3.51 -9.70 30.73
C ALA A 223 4.58 -10.58 31.37
N VAL A 224 5.21 -10.09 32.44
CA VAL A 224 6.25 -10.89 33.09
C VAL A 224 5.60 -12.05 33.85
N ARG A 225 4.47 -11.79 34.51
CA ARG A 225 3.76 -12.85 35.23
CA ARG A 225 3.78 -12.85 35.24
C ARG A 225 3.35 -13.97 34.29
N ALA A 226 3.14 -13.67 33.00
CA ALA A 226 2.68 -14.66 32.05
C ALA A 226 3.81 -15.47 31.41
N GLY A 227 5.07 -15.14 31.72
CA GLY A 227 6.21 -15.85 31.17
C GLY A 227 7.06 -15.06 30.22
N ALA A 228 6.58 -13.94 29.70
CA ALA A 228 7.38 -13.18 28.75
C ALA A 228 8.64 -12.64 29.45
N ALA A 229 9.72 -12.54 28.68
CA ALA A 229 10.97 -12.07 29.27
C ALA A 229 11.05 -10.56 29.39
N GLY A 230 10.06 -9.82 28.88
CA GLY A 230 10.11 -8.37 29.00
C GLY A 230 8.95 -7.74 28.27
N ALA A 231 8.96 -6.41 28.25
CA ALA A 231 7.94 -5.64 27.54
C ALA A 231 8.58 -4.43 26.89
N ILE A 232 7.99 -4.07 25.75
CA ILE A 232 8.35 -2.90 24.97
C ILE A 232 7.23 -1.88 25.10
N SER A 233 7.59 -0.60 25.22
CA SER A 233 6.61 0.50 25.22
C SER A 233 7.13 1.63 24.35
N GLY A 234 6.34 2.04 23.34
CA GLY A 234 6.73 3.10 22.46
C GLY A 234 5.82 4.31 22.53
N SER A 235 4.56 4.14 22.11
CA SER A 235 3.63 5.27 22.09
C SER A 235 3.54 5.96 23.45
N ALA A 236 3.45 5.17 24.51
CA ALA A 236 3.37 5.78 25.84
C ALA A 236 4.57 6.70 26.10
N ILE A 237 5.76 6.29 25.67
CA ILE A 237 6.93 7.13 25.85
C ILE A 237 6.92 8.31 24.89
N VAL A 238 6.56 8.05 23.63
CA VAL A 238 6.49 9.13 22.65
C VAL A 238 5.45 10.17 23.06
N LYS A 239 4.36 9.75 23.69
CA LYS A 239 3.35 10.73 24.10
C LYS A 239 3.93 11.74 25.08
N ILE A 240 4.88 11.29 25.93
CA ILE A 240 5.53 12.21 26.85
C ILE A 240 6.40 13.20 26.10
N ILE A 241 7.13 12.74 25.07
CA ILE A 241 7.87 13.66 24.22
C ILE A 241 6.95 14.75 23.66
N GLU A 242 5.85 14.33 23.00
CA GLU A 242 5.01 15.31 22.31
CA GLU A 242 4.99 15.30 22.32
C GLU A 242 4.38 16.29 23.30
N LYS A 243 4.01 15.83 24.48
CA LYS A 243 3.38 16.69 25.48
C LYS A 243 4.31 17.75 26.04
N ASN A 244 5.63 17.60 25.87
CA ASN A 244 6.59 18.48 26.54
C ASN A 244 7.58 19.10 25.57
N LEU A 245 7.15 19.32 24.32
CA LEU A 245 8.07 19.81 23.30
C LEU A 245 8.67 21.17 23.66
N ALA A 246 7.92 22.01 24.37
CA ALA A 246 8.40 23.33 24.73
C ALA A 246 9.21 23.35 26.02
N SER A 247 9.31 22.21 26.72
CA SER A 247 10.04 22.12 27.99
C SER A 247 10.97 20.91 27.94
N PRO A 248 12.08 21.01 27.22
CA PRO A 248 12.92 19.82 27.02
C PRO A 248 13.36 19.14 28.31
N LYS A 249 13.52 19.87 29.41
CA LYS A 249 13.98 19.27 30.65
C LYS A 249 12.83 18.76 31.51
N GLN A 250 11.66 19.37 31.43
CA GLN A 250 10.49 18.74 32.03
C GLN A 250 10.18 17.42 31.36
N MET A 251 10.43 17.33 30.05
CA MET A 251 10.24 16.09 29.30
C MET A 251 11.16 15.00 29.83
N LEU A 252 12.45 15.30 30.01
CA LEU A 252 13.38 14.30 30.54
C LEU A 252 12.98 13.89 31.95
N ALA A 253 12.56 14.85 32.77
CA ALA A 253 12.08 14.53 34.10
C ALA A 253 10.93 13.54 34.06
N GLU A 254 9.93 13.82 33.22
CA GLU A 254 8.77 12.93 33.13
C GLU A 254 9.12 11.60 32.47
N LEU A 255 10.02 11.62 31.48
CA LEU A 255 10.51 10.37 30.93
C LEU A 255 11.17 9.53 32.01
N ARG A 256 12.03 10.16 32.82
CA ARG A 256 12.72 9.43 33.87
CA ARG A 256 12.72 9.43 33.87
C ARG A 256 11.72 8.79 34.82
N SER A 257 10.78 9.58 35.33
CA SER A 257 9.80 9.04 36.26
C SER A 257 9.04 7.86 35.66
N PHE A 258 8.62 7.97 34.39
CA PHE A 258 7.80 6.89 33.80
C PHE A 258 8.62 5.62 33.61
N VAL A 259 9.83 5.74 33.05
CA VAL A 259 10.66 4.55 32.82
C VAL A 259 10.93 3.82 34.13
N SER A 260 11.36 4.54 35.17
CA SER A 260 11.66 3.88 36.44
C SER A 260 10.44 3.13 36.96
N ALA A 261 9.24 3.71 36.81
CA ALA A 261 8.04 3.04 37.27
C ALA A 261 7.73 1.79 36.46
N MET A 262 7.97 1.83 35.13
CA MET A 262 7.77 0.66 34.32
C MET A 262 8.83 -0.41 34.58
N LYS A 263 10.09 -0.01 34.68
CA LYS A 263 11.15 -0.99 34.96
C LYS A 263 10.96 -1.58 36.36
N ALA A 264 10.54 -0.78 37.32
CA ALA A 264 10.20 -1.32 38.64
C ALA A 264 9.17 -2.45 38.53
N ALA A 265 8.13 -2.25 37.70
CA ALA A 265 7.11 -3.28 37.61
C ALA A 265 7.66 -4.54 36.97
N SER A 266 8.78 -4.45 36.26
CA SER A 266 9.39 -5.63 35.68
C SER A 266 10.21 -6.41 36.70
N ARG A 267 10.53 -5.79 37.83
CA ARG A 267 11.34 -6.42 38.86
C ARG A 267 10.50 -7.44 39.63
N ALA A 268 10.97 -8.70 39.64
CA ALA A 268 10.24 -9.81 40.21
C ALA A 268 9.01 -10.13 39.36
N THR B 2 4.25 -20.34 2.61
CA THR B 2 3.89 -21.16 1.47
C THR B 2 2.57 -20.70 0.87
N THR B 3 2.47 -20.77 -0.45
CA THR B 3 1.29 -20.29 -1.14
C THR B 3 0.84 -21.29 -2.19
N LEU B 4 -0.44 -21.19 -2.57
CA LEU B 4 -0.94 -22.00 -3.67
C LEU B 4 -0.49 -21.50 -5.02
N LEU B 5 -0.27 -20.20 -5.13
CA LEU B 5 0.09 -19.57 -6.38
C LEU B 5 1.40 -18.81 -6.23
N ASN B 6 2.06 -18.60 -7.37
CA ASN B 6 3.34 -17.88 -7.32
C ASN B 6 3.07 -16.42 -6.98
N PRO B 7 3.66 -15.88 -5.90
CA PRO B 7 3.41 -14.47 -5.55
C PRO B 7 4.21 -13.46 -6.32
N TYR B 8 5.14 -13.90 -7.17
CA TYR B 8 6.06 -13.00 -7.85
C TYR B 8 5.92 -13.07 -9.37
N PHE B 9 6.22 -11.93 -10.01
CA PHE B 9 6.29 -11.80 -11.48
C PHE B 9 7.76 -11.45 -11.70
N GLY B 10 8.59 -12.42 -12.05
CA GLY B 10 10.04 -12.18 -11.95
C GLY B 10 10.43 -11.76 -10.52
N GLU B 11 11.20 -10.68 -10.40
CA GLU B 11 11.59 -10.16 -9.10
C GLU B 11 10.53 -9.35 -8.39
N PHE B 12 9.42 -9.02 -9.06
CA PHE B 12 8.43 -8.08 -8.55
C PHE B 12 7.26 -8.82 -7.90
N GLY B 13 6.70 -8.20 -6.90
CA GLY B 13 5.47 -8.69 -6.25
C GLY B 13 5.73 -9.11 -4.81
N GLY B 14 5.32 -10.31 -4.41
CA GLY B 14 5.55 -10.72 -3.06
C GLY B 14 4.43 -10.30 -2.13
N MET B 15 4.68 -10.54 -0.84
CA MET B 15 3.67 -10.31 0.23
C MET B 15 4.40 -9.59 1.36
N TYR B 16 4.64 -8.31 1.21
CA TYR B 16 5.47 -7.55 2.19
C TYR B 16 4.51 -6.78 3.12
N VAL B 17 3.87 -7.56 3.98
CA VAL B 17 2.90 -7.06 4.94
C VAL B 17 3.36 -7.48 6.32
N PRO B 18 2.93 -6.74 7.33
CA PRO B 18 3.14 -7.20 8.73
C PRO B 18 2.65 -8.63 8.93
N GLN B 19 3.43 -9.37 9.69
CA GLN B 19 3.16 -10.79 9.92
C GLN B 19 1.69 -11.06 10.25
N ILE B 20 1.03 -10.15 10.98
CA ILE B 20 -0.32 -10.41 11.47
C ILE B 20 -1.30 -10.56 10.31
N LEU B 21 -0.96 -10.02 9.11
CA LEU B 21 -1.86 -10.08 7.99
C LEU B 21 -1.67 -11.28 7.10
N MET B 22 -0.64 -12.10 7.30
CA MET B 22 -0.43 -13.22 6.42
C MET B 22 -1.56 -14.23 6.41
N PRO B 23 -2.17 -14.58 7.55
CA PRO B 23 -3.31 -15.50 7.50
C PRO B 23 -4.43 -15.00 6.63
N ALA B 24 -4.76 -13.71 6.73
CA ALA B 24 -5.81 -13.14 5.89
C ALA B 24 -5.46 -13.24 4.40
N LEU B 25 -4.21 -12.99 4.03
CA LEU B 25 -3.79 -13.13 2.64
C LEU B 25 -3.83 -14.58 2.19
N ASN B 26 -3.43 -15.52 3.07
CA ASN B 26 -3.48 -16.92 2.73
C ASN B 26 -4.93 -17.40 2.59
N GLN B 27 -5.80 -16.95 3.48
CA GLN B 27 -7.22 -17.32 3.39
C GLN B 27 -7.81 -16.79 2.11
N LEU B 28 -7.44 -15.57 1.73
CA LEU B 28 -8.02 -14.99 0.53
C LEU B 28 -7.56 -15.73 -0.70
N GLU B 29 -6.30 -16.15 -0.70
CA GLU B 29 -5.79 -16.88 -1.82
C GLU B 29 -6.53 -18.19 -1.98
N GLU B 30 -6.73 -18.93 -0.87
CA GLU B 30 -7.40 -20.20 -0.93
C GLU B 30 -8.82 -20.04 -1.40
N ALA B 31 -9.51 -19.02 -0.87
CA ALA B 31 -10.88 -18.72 -1.30
C ALA B 31 -10.96 -18.48 -2.81
N PHE B 32 -10.06 -17.63 -3.32
CA PHE B 32 -9.96 -17.38 -4.75
C PHE B 32 -9.68 -18.64 -5.53
N VAL B 33 -8.64 -19.40 -5.14
CA VAL B 33 -8.35 -20.59 -5.90
C VAL B 33 -9.56 -21.51 -5.95
N SER B 34 -10.28 -21.68 -4.80
CA SER B 34 -11.43 -22.54 -4.76
C SER B 34 -12.58 -21.97 -5.60
N ALA B 35 -12.75 -20.65 -5.56
CA ALA B 35 -13.79 -19.99 -6.36
C ALA B 35 -13.58 -20.21 -7.87
N GLN B 36 -12.32 -20.16 -8.33
CA GLN B 36 -12.05 -20.27 -9.74
C GLN B 36 -12.34 -21.65 -10.28
N LYS B 37 -12.45 -22.65 -9.40
CA LYS B 37 -12.84 -24.00 -9.78
C LYS B 37 -14.29 -24.31 -9.45
N ASP B 38 -15.06 -23.33 -8.97
CA ASP B 38 -16.42 -23.58 -8.49
C ASP B 38 -17.38 -23.09 -9.56
N PRO B 39 -18.08 -23.97 -10.28
CA PRO B 39 -19.03 -23.49 -11.30
C PRO B 39 -20.17 -22.67 -10.72
N GLU B 40 -20.56 -22.92 -9.48
CA GLU B 40 -21.59 -22.10 -8.85
C GLU B 40 -21.10 -20.65 -8.66
N PHE B 41 -19.84 -20.47 -8.25
CA PHE B 41 -19.31 -19.12 -8.14
C PHE B 41 -19.20 -18.47 -9.51
N GLN B 42 -18.73 -19.23 -10.51
CA GLN B 42 -18.57 -18.64 -11.81
C GLN B 42 -19.93 -18.22 -12.37
N ALA B 43 -20.96 -19.00 -12.08
CA ALA B 43 -22.29 -18.72 -12.61
C ALA B 43 -22.88 -17.48 -11.96
N GLN B 44 -22.63 -17.30 -10.66
CA GLN B 44 -23.12 -16.13 -9.94
C GLN B 44 -22.40 -14.86 -10.40
N PHE B 45 -21.06 -14.93 -10.51
CA PHE B 45 -20.26 -13.83 -11.01
C PHE B 45 -20.68 -13.44 -12.43
N ALA B 46 -20.89 -14.42 -13.30
CA ALA B 46 -21.30 -14.10 -14.68
C ALA B 46 -22.68 -13.44 -14.72
N ASP B 47 -23.58 -13.88 -13.85
CA ASP B 47 -24.94 -13.33 -13.79
C ASP B 47 -24.91 -11.88 -13.34
N LEU B 48 -24.08 -11.56 -12.33
CA LEU B 48 -23.96 -10.19 -11.90
C LEU B 48 -23.31 -9.36 -13.02
N LEU B 49 -22.27 -9.88 -13.65
CA LEU B 49 -21.60 -9.10 -14.71
C LEU B 49 -22.58 -8.75 -15.84
N LYS B 50 -23.31 -9.75 -16.29
CA LYS B 50 -24.20 -9.59 -17.44
C LYS B 50 -25.43 -8.78 -17.07
N ASN B 51 -26.13 -9.19 -16.01
CA ASN B 51 -27.50 -8.72 -15.79
C ASN B 51 -27.59 -7.55 -14.82
N TYR B 52 -26.53 -7.30 -14.07
CA TYR B 52 -26.41 -6.14 -13.20
C TYR B 52 -25.46 -5.11 -13.73
N ALA B 53 -24.26 -5.51 -14.12
CA ALA B 53 -23.28 -4.53 -14.56
C ALA B 53 -23.41 -4.19 -16.04
N GLY B 54 -23.97 -5.09 -16.83
CA GLY B 54 -24.19 -4.85 -18.23
C GLY B 54 -23.13 -5.34 -19.20
N ARG B 55 -22.33 -6.34 -18.82
CA ARG B 55 -21.43 -6.92 -19.80
C ARG B 55 -22.21 -7.78 -20.79
N PRO B 56 -21.68 -7.99 -21.99
CA PRO B 56 -20.45 -7.41 -22.54
C PRO B 56 -20.62 -5.94 -22.94
N THR B 57 -19.53 -5.22 -22.81
CA THR B 57 -19.49 -3.83 -23.21
C THR B 57 -19.16 -3.73 -24.72
N ALA B 58 -19.56 -2.62 -25.30
CA ALA B 58 -19.39 -2.40 -26.74
C ALA B 58 -17.93 -2.23 -27.12
N LEU B 59 -17.64 -2.54 -28.36
CA LEU B 59 -16.38 -2.15 -28.98
C LEU B 59 -16.67 -1.17 -30.14
N THR B 60 -16.33 0.11 -29.94
CA THR B 60 -16.79 1.18 -30.83
C THR B 60 -15.71 1.55 -31.82
N LYS B 61 -16.03 1.53 -33.09
CA LYS B 61 -15.09 2.06 -34.11
C LYS B 61 -15.19 3.57 -34.17
N CYS B 62 -14.06 4.26 -34.02
CA CYS B 62 -14.04 5.70 -34.22
C CYS B 62 -14.27 6.03 -35.71
N GLN B 63 -15.20 6.93 -35.98
N GLN B 63 -15.22 6.92 -35.99
CA GLN B 63 -15.58 7.26 -37.34
CA GLN B 63 -15.56 7.25 -37.37
C GLN B 63 -14.89 8.52 -37.87
C GLN B 63 -14.89 8.52 -37.88
N ASN B 64 -14.54 9.44 -36.99
CA ASN B 64 -14.10 10.76 -37.32
C ASN B 64 -12.67 11.05 -36.89
N ILE B 65 -12.25 10.48 -35.77
CA ILE B 65 -10.97 10.82 -35.16
CA ILE B 65 -10.96 10.83 -35.18
C ILE B 65 -9.79 10.47 -36.08
N THR B 66 -9.92 9.40 -36.85
CA THR B 66 -8.85 8.83 -37.63
C THR B 66 -8.91 9.28 -39.09
N ALA B 67 -9.84 10.18 -39.44
CA ALA B 67 -9.94 10.68 -40.81
C ALA B 67 -8.56 11.17 -41.30
N GLY B 68 -8.23 10.84 -42.53
CA GLY B 68 -7.00 11.28 -43.12
C GLY B 68 -5.79 10.47 -42.74
N THR B 69 -5.96 9.35 -42.04
CA THR B 69 -4.83 8.51 -41.66
C THR B 69 -5.11 7.08 -42.08
N ARG B 70 -4.15 6.21 -41.94
CA ARG B 70 -4.37 4.79 -42.17
CA ARG B 70 -4.35 4.79 -42.16
C ARG B 70 -4.56 4.03 -40.86
N THR B 71 -4.87 4.72 -39.78
CA THR B 71 -5.16 4.11 -38.49
C THR B 71 -6.66 3.82 -38.35
N THR B 72 -6.98 2.61 -37.95
CA THR B 72 -8.32 2.20 -37.55
C THR B 72 -8.29 2.07 -36.03
N LEU B 73 -9.19 2.77 -35.35
CA LEU B 73 -9.16 2.88 -33.90
C LEU B 73 -10.49 2.40 -33.33
N TYR B 74 -10.42 1.42 -32.41
CA TYR B 74 -11.61 0.96 -31.67
C TYR B 74 -11.45 1.35 -30.21
N LEU B 75 -12.57 1.59 -29.55
CA LEU B 75 -12.62 1.96 -28.17
C LEU B 75 -13.41 0.87 -27.42
N LYS B 76 -12.76 0.21 -26.44
CA LYS B 76 -13.45 -0.77 -25.64
C LYS B 76 -14.20 -0.02 -24.54
N ARG B 77 -15.54 -0.12 -24.50
CA ARG B 77 -16.38 0.83 -23.79
C ARG B 77 -16.67 0.38 -22.35
N GLU B 78 -15.64 0.34 -21.54
CA GLU B 78 -15.88 0.10 -20.13
C GLU B 78 -16.56 1.28 -19.49
N ASP B 79 -16.54 2.44 -20.14
CA ASP B 79 -17.35 3.56 -19.68
C ASP B 79 -18.84 3.25 -19.62
N LEU B 80 -19.30 2.22 -20.30
CA LEU B 80 -20.72 1.87 -20.30
C LEU B 80 -21.10 0.82 -19.22
N LEU B 81 -20.16 0.35 -18.40
CA LEU B 81 -20.41 -0.54 -17.26
C LEU B 81 -21.16 0.25 -16.21
N HIS B 82 -22.06 -0.45 -15.48
CA HIS B 82 -22.68 0.16 -14.34
C HIS B 82 -21.59 0.68 -13.42
N GLY B 83 -21.76 1.92 -12.95
CA GLY B 83 -20.86 2.66 -12.15
C GLY B 83 -19.99 3.61 -12.97
N GLY B 84 -19.87 3.34 -14.26
CA GLY B 84 -19.14 4.22 -15.16
C GLY B 84 -17.67 3.90 -15.35
N ALA B 85 -17.24 2.74 -14.90
CA ALA B 85 -15.80 2.39 -15.13
C ALA B 85 -15.61 0.90 -14.96
N HIS B 86 -14.46 0.42 -15.44
CA HIS B 86 -14.12 -1.00 -15.32
C HIS B 86 -14.10 -1.48 -13.85
N LYS B 87 -14.00 -0.59 -12.89
CA LYS B 87 -13.80 -1.01 -11.51
C LYS B 87 -14.87 -1.97 -11.08
N THR B 88 -16.11 -1.80 -11.61
CA THR B 88 -17.18 -2.66 -11.17
C THR B 88 -16.93 -4.14 -11.41
N ASN B 89 -16.12 -4.49 -12.43
CA ASN B 89 -15.94 -5.91 -12.74
C ASN B 89 -15.35 -6.65 -11.54
N GLN B 90 -14.23 -6.17 -11.03
CA GLN B 90 -13.55 -6.96 -10.01
C GLN B 90 -14.06 -6.71 -8.59
N VAL B 91 -14.72 -5.56 -8.34
CA VAL B 91 -15.39 -5.38 -7.06
CA VAL B 91 -15.40 -5.39 -7.06
C VAL B 91 -16.51 -6.41 -6.91
N LEU B 92 -17.22 -6.73 -8.00
CA LEU B 92 -18.26 -7.73 -7.84
C LEU B 92 -17.65 -9.10 -7.53
N GLY B 93 -16.53 -9.41 -8.14
CA GLY B 93 -15.84 -10.67 -7.82
C GLY B 93 -15.31 -10.68 -6.40
N GLN B 94 -14.61 -9.62 -6.01
CA GLN B 94 -14.08 -9.57 -4.64
C GLN B 94 -15.20 -9.59 -3.59
N ALA B 95 -16.32 -8.89 -3.86
CA ALA B 95 -17.45 -8.93 -2.94
C ALA B 95 -17.97 -10.36 -2.77
N LEU B 96 -18.14 -11.07 -3.88
CA LEU B 96 -18.56 -12.45 -3.78
C LEU B 96 -17.57 -13.29 -2.96
N LEU B 97 -16.25 -13.08 -3.19
CA LEU B 97 -15.22 -13.74 -2.40
C LEU B 97 -15.35 -13.38 -0.93
N ALA B 98 -15.63 -12.10 -0.64
CA ALA B 98 -15.80 -11.68 0.75
C ALA B 98 -16.94 -12.43 1.43
N LYS B 99 -18.05 -12.64 0.70
CA LYS B 99 -19.16 -13.44 1.24
C LYS B 99 -18.80 -14.92 1.35
N ARG B 100 -18.10 -15.47 0.37
CA ARG B 100 -17.60 -16.85 0.45
CA ARG B 100 -17.63 -16.85 0.48
C ARG B 100 -16.79 -17.06 1.72
N MET B 101 -16.10 -16.01 2.18
CA MET B 101 -15.20 -16.11 3.35
C MET B 101 -15.88 -15.75 4.66
N GLY B 102 -17.15 -15.35 4.64
CA GLY B 102 -17.81 -15.01 5.89
C GLY B 102 -17.53 -13.64 6.40
N LYS B 103 -17.09 -12.71 5.53
CA LYS B 103 -16.83 -11.35 5.96
CA LYS B 103 -16.83 -11.34 5.94
C LYS B 103 -18.09 -10.54 5.77
N SER B 104 -18.34 -9.59 6.66
CA SER B 104 -19.53 -8.76 6.58
C SER B 104 -19.24 -7.28 6.38
N GLU B 105 -17.97 -6.87 6.36
CA GLU B 105 -17.59 -5.47 6.16
C GLU B 105 -16.58 -5.40 5.01
N ILE B 106 -16.51 -4.22 4.41
CA ILE B 106 -15.58 -3.95 3.33
C ILE B 106 -14.81 -2.69 3.68
N ILE B 107 -13.48 -2.73 3.49
CA ILE B 107 -12.62 -1.57 3.54
C ILE B 107 -12.11 -1.29 2.13
N ALA B 108 -12.18 -0.03 1.71
CA ALA B 108 -11.59 0.35 0.41
C ALA B 108 -11.04 1.76 0.47
N GLU B 109 -10.18 2.07 -0.51
CA GLU B 109 -9.66 3.42 -0.68
C GLU B 109 -9.90 3.84 -2.12
N THR B 110 -9.92 5.16 -2.35
CA THR B 110 -10.17 5.68 -3.67
C THR B 110 -9.54 7.07 -3.79
N GLY B 111 -9.20 7.42 -5.02
CA GLY B 111 -8.75 8.79 -5.25
C GLY B 111 -9.65 9.52 -6.22
N ALA B 112 -9.96 8.87 -7.32
CA ALA B 112 -10.88 9.48 -8.26
C ALA B 112 -12.30 9.34 -7.73
N GLY B 113 -12.50 8.38 -6.82
CA GLY B 113 -13.82 8.02 -6.33
C GLY B 113 -14.46 6.91 -7.08
N GLN B 114 -13.89 6.46 -8.19
CA GLN B 114 -14.56 5.46 -9.00
C GLN B 114 -14.52 4.12 -8.32
N HIS B 115 -13.36 3.70 -7.78
CA HIS B 115 -13.38 2.44 -7.04
C HIS B 115 -14.23 2.54 -5.78
N GLY B 116 -14.30 3.73 -5.18
CA GLY B 116 -15.18 3.92 -4.05
C GLY B 116 -16.62 3.74 -4.43
N VAL B 117 -17.02 4.36 -5.56
CA VAL B 117 -18.39 4.17 -6.04
C VAL B 117 -18.68 2.71 -6.31
N ALA B 118 -17.77 2.05 -7.01
CA ALA B 118 -17.91 0.61 -7.25
C ALA B 118 -17.99 -0.20 -5.96
N SER B 119 -17.09 0.06 -4.99
CA SER B 119 -17.17 -0.70 -3.74
C SER B 119 -18.52 -0.49 -3.05
N ALA B 120 -19.00 0.74 -3.08
CA ALA B 120 -20.25 1.05 -2.41
C ALA B 120 -21.45 0.40 -3.07
N LEU B 121 -21.50 0.44 -4.40
CA LEU B 121 -22.62 -0.17 -5.09
C LEU B 121 -22.63 -1.69 -4.90
N ALA B 122 -21.42 -2.31 -4.92
CA ALA B 122 -21.42 -3.76 -4.74
C ALA B 122 -21.81 -4.15 -3.30
N SER B 123 -21.39 -3.38 -2.31
CA SER B 123 -21.71 -3.64 -0.94
C SER B 123 -23.20 -3.44 -0.69
N ALA B 124 -23.79 -2.42 -1.31
CA ALA B 124 -25.23 -2.21 -1.21
C ALA B 124 -25.99 -3.39 -1.77
N LEU B 125 -25.61 -3.84 -2.95
CA LEU B 125 -26.31 -4.95 -3.59
C LEU B 125 -26.18 -6.22 -2.76
N LEU B 126 -24.94 -6.54 -2.32
CA LEU B 126 -24.67 -7.82 -1.67
C LEU B 126 -24.76 -7.80 -0.15
N GLY B 127 -25.12 -6.69 0.47
CA GLY B 127 -25.39 -6.62 1.88
C GLY B 127 -24.17 -6.56 2.77
N LEU B 128 -23.15 -5.79 2.39
CA LEU B 128 -21.97 -5.63 3.21
C LEU B 128 -21.89 -4.20 3.70
N LYS B 129 -21.29 -4.01 4.85
CA LYS B 129 -21.03 -2.69 5.40
C LYS B 129 -19.70 -2.18 4.87
N CYS B 130 -19.73 -1.05 4.19
CA CYS B 130 -18.60 -0.57 3.38
C CYS B 130 -18.07 0.74 3.95
N ARG B 131 -16.76 0.79 4.25
CA ARG B 131 -16.12 2.05 4.62
C ARG B 131 -14.97 2.35 3.67
N ILE B 132 -14.86 3.62 3.28
CA ILE B 132 -14.01 4.03 2.14
C ILE B 132 -13.11 5.17 2.60
N TYR B 133 -11.79 4.99 2.46
CA TYR B 133 -10.84 6.05 2.74
C TYR B 133 -10.56 6.86 1.50
N MET B 134 -10.51 8.17 1.65
CA MET B 134 -10.26 9.08 0.52
C MET B 134 -9.43 10.27 0.99
N GLY B 135 -8.36 10.56 0.23
N GLY B 135 -8.36 10.57 0.24
CA GLY B 135 -7.56 11.72 0.54
CA GLY B 135 -7.56 11.73 0.57
C GLY B 135 -8.35 13.02 0.47
C GLY B 135 -8.39 13.00 0.72
N ALA B 136 -8.22 13.87 1.49
N ALA B 136 -8.30 13.64 1.88
CA ALA B 136 -9.02 15.08 1.55
CA ALA B 136 -9.16 14.79 2.16
C ALA B 136 -8.88 15.91 0.28
C ALA B 136 -9.12 15.82 1.04
N LYS B 137 -7.69 15.93 -0.31
N LYS B 137 -7.97 15.98 0.38
CA LYS B 137 -7.51 16.66 -1.56
CA LYS B 137 -7.94 16.82 -0.81
C LYS B 137 -8.30 16.02 -2.69
C LYS B 137 -8.93 16.32 -1.85
N ASP B 138 -8.35 14.69 -2.73
N ASP B 138 -8.90 15.01 -2.12
CA ASP B 138 -9.14 14.00 -3.74
CA ASP B 138 -9.81 14.44 -3.10
C ASP B 138 -10.63 14.18 -3.50
C ASP B 138 -11.25 14.47 -2.61
N VAL B 139 -11.04 14.33 -2.24
N VAL B 139 -11.47 14.46 -1.30
CA VAL B 139 -12.45 14.64 -1.96
CA VAL B 139 -12.83 14.58 -0.76
C VAL B 139 -12.87 15.86 -2.78
C VAL B 139 -13.44 15.91 -1.18
N GLU B 140 -12.11 16.95 -2.67
N GLU B 140 -12.65 16.99 -1.15
CA GLU B 140 -12.42 18.15 -3.44
CA GLU B 140 -13.19 18.28 -1.56
C GLU B 140 -12.33 17.87 -4.93
C GLU B 140 -13.32 18.39 -3.08
N ARG B 141 -11.34 17.08 -5.34
N ARG B 141 -12.37 17.81 -3.84
CA ARG B 141 -11.16 16.81 -6.76
CA ARG B 141 -12.50 17.90 -5.29
C ARG B 141 -12.37 16.12 -7.37
C ARG B 141 -13.58 16.97 -5.82
N GLN B 142 -13.14 15.39 -6.56
N GLN B 142 -13.83 15.86 -5.11
CA GLN B 142 -14.26 14.61 -7.06
CA GLN B 142 -14.78 14.84 -5.54
C GLN B 142 -15.38 14.55 -6.03
C GLN B 142 -15.99 14.74 -4.60
N SER B 143 -15.78 15.71 -5.51
N SER B 143 -16.48 15.90 -4.13
CA SER B 143 -16.79 15.73 -4.46
CA SER B 143 -17.62 15.85 -3.22
C SER B 143 -18.10 15.04 -4.85
C SER B 143 -18.85 15.20 -3.86
N PRO B 144 -18.51 15.02 -6.12
N PRO B 144 -19.10 15.32 -5.17
CA PRO B 144 -19.78 14.33 -6.45
CA PRO B 144 -20.25 14.61 -5.72
C PRO B 144 -19.68 12.82 -6.33
C PRO B 144 -20.09 13.10 -5.67
N ASN B 145 -18.59 12.21 -6.77
N ASN B 145 -18.88 12.57 -5.87
CA ASN B 145 -18.43 10.77 -6.56
CA ASN B 145 -18.72 11.11 -5.77
C ASN B 145 -18.56 10.43 -5.09
C ASN B 145 -18.78 10.67 -4.31
N VAL B 146 -18.16 11.34 -4.19
N VAL B 146 -18.29 11.50 -3.37
CA VAL B 146 -18.40 11.13 -2.76
CA VAL B 146 -18.46 11.20 -1.96
C VAL B 146 -19.89 11.08 -2.49
C VAL B 146 -19.94 11.07 -1.61
N PHE B 147 -20.65 11.99 -3.08
N PHE B 147 -20.76 11.99 -2.10
CA PHE B 147 -22.10 11.99 -2.88
CA PHE B 147 -22.20 11.93 -1.84
C PHE B 147 -22.71 10.67 -3.35
C PHE B 147 -22.83 10.70 -2.46
N ARG B 148 -22.23 10.15 -4.47
N ARG B 148 -22.40 10.33 -3.69
CA ARG B 148 -22.77 8.88 -4.97
CA ARG B 148 -22.88 9.09 -4.28
C ARG B 148 -22.44 7.73 -4.02
C ARG B 148 -22.59 7.92 -3.35
N MET B 149 -21.22 7.73 -3.46
N MET B 149 -21.34 7.81 -2.88
CA MET B 149 -20.87 6.72 -2.47
CA MET B 149 -20.98 6.70 -2.01
C MET B 149 -21.77 6.82 -1.24
C MET B 149 -21.89 6.68 -0.78
N ARG B 150 -22.00 8.04 -0.75
N ARG B 150 -22.12 7.85 -0.19
CA ARG B 150 -22.77 8.19 0.47
CA ARG B 150 -22.95 7.89 1.01
C ARG B 150 -24.25 7.88 0.23
C ARG B 150 -24.41 7.62 0.70
N LEU B 151 -24.72 8.07 -1.00
N LEU B 151 -24.87 8.02 -0.49
CA LEU B 151 -26.10 7.71 -1.31
CA LEU B 151 -26.26 7.71 -0.83
C LEU B 151 -26.33 6.21 -1.21
C LEU B 151 -26.46 6.19 -0.91
N MET B 152 -25.30 5.42 -1.47
N MET B 152 -25.46 5.48 -1.40
CA MET B 152 -25.41 3.96 -1.45
CA MET B 152 -25.49 4.04 -1.44
C MET B 152 -25.14 3.35 -0.08
C MET B 152 -25.08 3.38 -0.10
N GLY B 153 -24.96 4.15 0.96
CA GLY B 153 -24.85 3.62 2.31
C GLY B 153 -23.43 3.40 2.81
N ALA B 154 -22.43 3.76 2.01
CA ALA B 154 -21.02 3.63 2.42
C ALA B 154 -20.66 4.76 3.38
N GLU B 155 -19.70 4.48 4.28
CA GLU B 155 -19.10 5.51 5.09
C GLU B 155 -17.87 6.02 4.34
N VAL B 156 -17.71 7.33 4.26
CA VAL B 156 -16.54 7.90 3.59
C VAL B 156 -15.74 8.69 4.60
N ILE B 157 -14.44 8.35 4.70
CA ILE B 157 -13.58 8.87 5.77
C ILE B 157 -12.47 9.71 5.15
N PRO B 158 -12.51 11.04 5.27
CA PRO B 158 -11.45 11.85 4.67
C PRO B 158 -10.14 11.62 5.41
N VAL B 159 -9.05 11.66 4.65
CA VAL B 159 -7.71 11.42 5.19
C VAL B 159 -6.89 12.70 5.00
N HIS B 160 -6.64 13.41 6.11
CA HIS B 160 -5.71 14.53 6.16
C HIS B 160 -4.35 13.98 6.58
N SER B 161 -3.52 13.62 5.59
CA SER B 161 -2.21 13.08 5.88
C SER B 161 -1.37 13.12 4.60
N GLY B 162 -0.10 13.52 4.74
CA GLY B 162 0.77 13.50 3.57
C GLY B 162 0.20 14.32 2.43
N SER B 163 0.32 13.77 1.22
CA SER B 163 -0.20 14.43 0.02
CA SER B 163 -0.20 14.44 0.02
C SER B 163 -1.72 14.50 -0.02
N ALA B 164 -2.41 13.96 0.99
CA ALA B 164 -3.88 13.94 1.05
C ALA B 164 -4.50 13.36 -0.22
N THR B 165 -3.85 12.36 -0.80
CA THR B 165 -4.35 11.71 -2.01
CA THR B 165 -4.36 11.71 -2.00
C THR B 165 -4.29 10.20 -1.81
N LEU B 166 -4.31 9.47 -2.92
CA LEU B 166 -4.51 8.03 -2.89
C LEU B 166 -3.55 7.32 -1.92
N LYS B 167 -2.24 7.54 -2.10
CA LYS B 167 -1.27 6.85 -1.26
C LYS B 167 -1.64 6.97 0.20
N ASP B 168 -2.04 8.16 0.61
CA ASP B 168 -2.37 8.38 2.00
C ASP B 168 -3.63 7.63 2.39
N ALA B 169 -4.58 7.50 1.46
CA ALA B 169 -5.77 6.71 1.79
C ALA B 169 -5.43 5.20 1.84
N CYS B 170 -4.54 4.75 0.96
N CYS B 170 -4.54 4.75 0.96
CA CYS B 170 -4.10 3.36 1.01
CA CYS B 170 -4.09 3.36 0.99
C CYS B 170 -3.51 3.04 2.38
C CYS B 170 -3.48 3.03 2.34
N ASN B 171 -2.62 3.92 2.87
CA ASN B 171 -2.02 3.70 4.17
C ASN B 171 -3.07 3.49 5.24
N GLU B 172 -4.05 4.41 5.31
CA GLU B 172 -5.03 4.31 6.38
C GLU B 172 -5.88 3.04 6.25
N ALA B 173 -6.25 2.68 5.01
CA ALA B 173 -6.99 1.44 4.80
C ALA B 173 -6.19 0.23 5.31
N LEU B 174 -4.88 0.22 5.03
CA LEU B 174 -4.08 -0.91 5.51
C LEU B 174 -3.96 -0.90 7.03
N ARG B 175 -3.81 0.28 7.63
CA ARG B 175 -3.80 0.32 9.11
C ARG B 175 -5.10 -0.21 9.67
N ASP B 176 -6.22 0.22 9.06
CA ASP B 176 -7.52 -0.25 9.51
C ASP B 176 -7.61 -1.77 9.41
N TRP B 177 -7.27 -2.31 8.23
CA TRP B 177 -7.38 -3.75 8.02
C TRP B 177 -6.52 -4.53 9.01
N SER B 178 -5.34 -3.99 9.34
CA SER B 178 -4.47 -4.66 10.31
C SER B 178 -5.16 -4.98 11.63
N GLY B 179 -6.23 -4.24 11.96
CA GLY B 179 -6.95 -4.46 13.21
C GLY B 179 -8.40 -4.88 13.05
N SER B 180 -8.82 -5.20 11.81
CA SER B 180 -10.20 -5.64 11.61
C SER B 180 -10.35 -6.76 10.59
N TYR B 181 -9.26 -7.49 10.29
CA TYR B 181 -9.29 -8.48 9.22
C TYR B 181 -10.17 -9.66 9.54
N GLU B 182 -10.59 -9.82 10.79
CA GLU B 182 -11.45 -10.96 11.10
C GLU B 182 -12.84 -10.79 10.54
N THR B 183 -13.32 -9.55 10.48
CA THR B 183 -14.66 -9.23 10.02
C THR B 183 -14.68 -8.47 8.72
N ALA B 184 -13.56 -7.85 8.29
CA ALA B 184 -13.59 -6.96 7.15
C ALA B 184 -12.66 -7.49 6.07
N HIS B 185 -13.13 -7.46 4.82
CA HIS B 185 -12.30 -7.74 3.65
C HIS B 185 -11.77 -6.44 3.09
N TYR B 186 -10.47 -6.38 2.84
CA TYR B 186 -9.92 -5.20 2.23
C TYR B 186 -10.10 -5.31 0.71
N MET B 187 -10.95 -4.47 0.14
CA MET B 187 -11.22 -4.54 -1.30
C MET B 187 -10.22 -3.64 -2.04
N LEU B 188 -9.08 -4.19 -2.36
CA LEU B 188 -8.06 -3.37 -3.05
C LEU B 188 -8.53 -3.00 -4.44
N GLY B 189 -8.25 -1.75 -4.86
CA GLY B 189 -8.84 -1.15 -6.01
C GLY B 189 -8.04 -1.23 -7.29
N THR B 190 -6.89 -1.89 -7.26
CA THR B 190 -6.08 -2.01 -8.45
C THR B 190 -5.30 -3.31 -8.41
N ALA B 191 -4.48 -3.52 -9.47
CA ALA B 191 -3.70 -4.77 -9.59
C ALA B 191 -2.30 -4.58 -8.98
N ALA B 192 -2.30 -4.31 -7.70
CA ALA B 192 -1.14 -3.97 -6.97
C ALA B 192 -1.34 -4.49 -5.55
N GLY B 193 -0.43 -4.15 -4.66
CA GLY B 193 -0.49 -4.61 -3.34
C GLY B 193 0.09 -6.03 -3.17
N PRO B 194 -0.07 -6.61 -1.98
CA PRO B 194 0.51 -7.93 -1.72
C PRO B 194 -0.26 -9.02 -2.46
N HIS B 195 0.45 -10.06 -2.82
CA HIS B 195 -0.17 -11.27 -3.30
C HIS B 195 -1.20 -11.73 -2.29
N PRO B 196 -2.40 -12.18 -2.72
CA PRO B 196 -2.83 -12.49 -4.08
C PRO B 196 -3.51 -11.37 -4.87
N TYR B 197 -3.49 -10.14 -4.43
CA TYR B 197 -4.33 -9.12 -5.07
C TYR B 197 -3.93 -8.90 -6.54
N PRO B 198 -2.67 -8.78 -6.91
CA PRO B 198 -2.39 -8.51 -8.36
C PRO B 198 -2.95 -9.62 -9.24
N THR B 199 -2.93 -10.85 -8.74
CA THR B 199 -3.46 -11.98 -9.52
C THR B 199 -4.98 -11.98 -9.54
N ILE B 200 -5.61 -11.76 -8.38
CA ILE B 200 -7.07 -11.75 -8.32
C ILE B 200 -7.66 -10.61 -9.15
N VAL B 201 -7.09 -9.42 -9.03
CA VAL B 201 -7.64 -8.28 -9.83
C VAL B 201 -7.48 -8.55 -11.33
N ARG B 202 -6.30 -9.06 -11.75
CA ARG B 202 -6.18 -9.44 -13.15
C ARG B 202 -7.27 -10.44 -13.58
N GLU B 203 -7.51 -11.50 -12.79
CA GLU B 203 -8.41 -12.56 -13.23
C GLU B 203 -9.86 -12.08 -13.21
N PHE B 204 -10.13 -11.13 -12.35
CA PHE B 204 -11.49 -10.51 -12.32
C PHE B 204 -11.65 -9.29 -13.26
N GLN B 205 -10.65 -8.96 -14.05
CA GLN B 205 -10.69 -7.92 -15.06
C GLN B 205 -10.43 -8.48 -16.45
N ARG B 206 -10.00 -9.75 -16.55
CA ARG B 206 -9.50 -10.17 -17.82
C ARG B 206 -10.60 -10.40 -18.85
N MET B 207 -11.89 -10.31 -18.45
CA MET B 207 -12.90 -10.34 -19.49
C MET B 207 -12.81 -9.15 -20.44
N ILE B 208 -12.17 -8.04 -20.04
CA ILE B 208 -12.09 -6.90 -20.91
C ILE B 208 -11.33 -7.32 -22.19
N GLY B 209 -10.15 -7.98 -22.01
CA GLY B 209 -9.35 -8.40 -23.14
C GLY B 209 -9.97 -9.58 -23.85
N GLU B 210 -10.60 -10.48 -23.11
CA GLU B 210 -11.25 -11.61 -23.76
C GLU B 210 -12.40 -11.18 -24.67
N GLU B 211 -13.20 -10.23 -24.22
CA GLU B 211 -14.28 -9.72 -25.06
C GLU B 211 -13.70 -8.96 -26.26
N THR B 212 -12.75 -8.07 -26.03
CA THR B 212 -12.11 -7.32 -27.11
C THR B 212 -11.60 -8.24 -28.21
N LYS B 213 -10.89 -9.32 -27.82
CA LYS B 213 -10.37 -10.26 -28.80
C LYS B 213 -11.48 -10.85 -29.67
N ALA B 214 -12.57 -11.30 -29.04
CA ALA B 214 -13.68 -11.86 -29.81
C ALA B 214 -14.32 -10.83 -30.70
N GLN B 215 -14.53 -9.61 -30.17
CA GLN B 215 -15.16 -8.53 -30.90
C GLN B 215 -14.32 -8.08 -32.09
N ILE B 216 -13.01 -7.92 -31.90
CA ILE B 216 -12.16 -7.46 -33.01
C ILE B 216 -12.01 -8.54 -34.06
N LEU B 217 -11.93 -9.81 -33.66
CA LEU B 217 -11.92 -10.86 -34.68
C LEU B 217 -13.23 -10.90 -35.46
N ASP B 218 -14.37 -10.61 -34.81
CA ASP B 218 -15.63 -10.57 -35.53
C ASP B 218 -15.70 -9.38 -36.50
N LYS B 219 -15.16 -8.23 -36.12
CA LYS B 219 -15.32 -7.03 -36.93
CA LYS B 219 -15.32 -7.03 -36.93
C LYS B 219 -14.21 -6.87 -37.96
N GLU B 220 -12.98 -7.29 -37.65
CA GLU B 220 -11.85 -7.11 -38.55
C GLU B 220 -11.20 -8.40 -39.07
N GLY B 221 -11.49 -9.57 -38.47
CA GLY B 221 -10.93 -10.83 -38.92
C GLY B 221 -9.50 -11.05 -38.52
N ARG B 222 -8.98 -10.25 -37.59
CA ARG B 222 -7.59 -10.40 -37.17
CA ARG B 222 -7.60 -10.39 -37.17
C ARG B 222 -7.44 -9.67 -35.84
N LEU B 223 -6.35 -9.95 -35.17
CA LEU B 223 -6.00 -9.34 -33.91
C LEU B 223 -5.53 -7.91 -34.11
N PRO B 224 -5.64 -7.09 -33.06
CA PRO B 224 -5.12 -5.71 -33.15
C PRO B 224 -3.61 -5.73 -33.26
N ASP B 225 -3.09 -4.68 -33.91
CA ASP B 225 -1.65 -4.47 -33.91
C ASP B 225 -1.16 -4.05 -32.53
N ALA B 226 -1.97 -3.26 -31.83
CA ALA B 226 -1.71 -2.94 -30.43
C ALA B 226 -2.97 -2.57 -29.65
N VAL B 227 -2.91 -2.86 -28.33
CA VAL B 227 -3.91 -2.47 -27.34
C VAL B 227 -3.24 -1.50 -26.35
N ILE B 228 -3.96 -0.44 -26.05
CA ILE B 228 -3.42 0.70 -25.33
C ILE B 228 -4.30 0.93 -24.11
N ALA B 229 -3.69 1.10 -22.97
CA ALA B 229 -4.44 1.38 -21.75
C ALA B 229 -3.66 2.30 -20.81
N CYS B 230 -4.41 3.10 -20.02
CA CYS B 230 -3.73 3.87 -18.98
C CYS B 230 -3.34 2.98 -17.79
N VAL B 231 -2.31 3.42 -17.07
CA VAL B 231 -1.73 2.69 -15.94
C VAL B 231 -1.61 3.64 -14.74
N GLY B 232 -2.47 3.46 -13.78
CA GLY B 232 -2.38 4.09 -12.46
C GLY B 232 -1.84 3.12 -11.42
N GLY B 233 -2.54 2.04 -11.18
CA GLY B 233 -2.03 0.92 -10.41
C GLY B 233 -1.88 -0.29 -11.30
N GLY B 234 -2.65 -0.35 -12.36
CA GLY B 234 -2.55 -1.43 -13.27
C GLY B 234 -3.74 -2.25 -13.71
N SER B 235 -4.93 -2.03 -13.10
CA SER B 235 -5.98 -3.04 -13.26
C SER B 235 -6.56 -2.98 -14.66
N ASN B 236 -6.97 -1.77 -15.11
CA ASN B 236 -7.66 -1.81 -16.42
C ASN B 236 -6.70 -2.24 -17.50
N ALA B 237 -5.41 -1.93 -17.36
CA ALA B 237 -4.50 -2.34 -18.44
C ALA B 237 -4.21 -3.86 -18.40
N ILE B 238 -4.08 -4.45 -17.21
CA ILE B 238 -3.80 -5.88 -17.20
C ILE B 238 -5.05 -6.59 -17.63
N GLY B 239 -6.18 -5.98 -17.38
CA GLY B 239 -7.44 -6.60 -17.81
C GLY B 239 -7.54 -6.67 -19.31
N MET B 240 -7.15 -5.58 -19.97
CA MET B 240 -7.06 -5.59 -21.43
C MET B 240 -5.94 -6.49 -21.91
N PHE B 241 -4.78 -6.43 -21.26
CA PHE B 241 -3.65 -7.16 -21.80
C PHE B 241 -3.72 -8.67 -21.67
N ALA B 242 -4.37 -9.20 -20.64
CA ALA B 242 -4.08 -10.54 -20.18
C ALA B 242 -4.30 -11.58 -21.27
N ASP B 243 -5.42 -11.48 -21.99
CA ASP B 243 -5.70 -12.48 -23.00
C ASP B 243 -4.82 -12.36 -24.23
N PHE B 244 -4.07 -11.29 -24.37
CA PHE B 244 -3.19 -11.09 -25.54
C PHE B 244 -1.75 -11.39 -25.20
N ILE B 245 -1.43 -11.64 -23.94
CA ILE B 245 -0.02 -11.79 -23.58
C ILE B 245 0.63 -12.87 -24.43
N ASN B 246 -0.08 -13.99 -24.67
CA ASN B 246 0.51 -15.06 -25.48
C ASN B 246 0.34 -14.86 -26.99
N ASP B 247 -0.33 -13.79 -27.43
CA ASP B 247 -0.47 -13.43 -28.85
C ASP B 247 0.66 -12.44 -29.14
N THR B 248 1.83 -12.97 -29.46
CA THR B 248 3.03 -12.13 -29.40
C THR B 248 3.07 -11.07 -30.48
N SER B 249 2.27 -11.18 -31.53
CA SER B 249 2.19 -10.08 -32.51
C SER B 249 1.45 -8.86 -31.97
N VAL B 250 0.67 -8.99 -30.89
CA VAL B 250 -0.13 -7.88 -30.44
C VAL B 250 0.71 -7.03 -29.49
N GLY B 251 0.92 -5.78 -29.84
CA GLY B 251 1.58 -4.87 -28.91
C GLY B 251 0.72 -4.55 -27.71
N LEU B 252 1.40 -4.36 -26.58
CA LEU B 252 0.78 -3.99 -25.32
C LEU B 252 1.40 -2.68 -24.90
N ILE B 253 0.60 -1.64 -24.83
CA ILE B 253 1.11 -0.32 -24.52
C ILE B 253 0.39 0.19 -23.30
N GLY B 254 1.16 0.48 -22.25
CA GLY B 254 0.65 1.06 -21.03
C GLY B 254 1.05 2.53 -20.97
N VAL B 255 0.12 3.37 -20.55
CA VAL B 255 0.34 4.78 -20.49
C VAL B 255 0.27 5.30 -19.07
N GLU B 256 1.44 5.80 -18.57
CA GLU B 256 1.48 6.42 -17.26
C GLU B 256 1.25 7.90 -17.37
N PRO B 257 0.81 8.54 -16.30
CA PRO B 257 0.62 10.01 -16.35
C PRO B 257 1.97 10.74 -16.23
N GLY B 258 2.18 11.68 -17.14
CA GLY B 258 3.36 12.49 -17.10
C GLY B 258 3.17 13.78 -16.40
N GLY B 259 1.92 14.06 -15.99
CA GLY B 259 1.72 15.22 -15.13
C GLY B 259 2.10 16.52 -15.84
N HIS B 260 2.89 17.35 -15.16
CA HIS B 260 3.34 18.59 -15.73
C HIS B 260 4.57 18.38 -16.62
N GLY B 261 4.99 17.14 -16.81
CA GLY B 261 6.22 16.81 -17.50
C GLY B 261 7.18 16.01 -16.65
N ILE B 262 7.75 14.96 -17.21
CA ILE B 262 8.65 14.10 -16.42
C ILE B 262 9.78 14.92 -15.82
N GLU B 263 10.31 15.86 -16.62
CA GLU B 263 11.46 16.65 -16.18
C GLU B 263 11.11 17.56 -15.01
N THR B 264 9.81 17.79 -14.71
CA THR B 264 9.42 18.60 -13.56
C THR B 264 9.39 17.80 -12.26
N GLY B 265 9.47 16.49 -12.33
CA GLY B 265 9.28 15.63 -11.19
C GLY B 265 7.84 15.54 -10.71
N GLU B 266 6.91 16.24 -11.36
CA GLU B 266 5.49 16.25 -10.94
C GLU B 266 4.74 15.38 -11.92
N HIS B 267 4.81 14.07 -11.68
CA HIS B 267 4.26 13.08 -12.59
C HIS B 267 3.83 11.89 -11.74
N GLY B 268 3.31 10.87 -12.40
CA GLY B 268 2.94 9.63 -11.78
C GLY B 268 3.46 8.47 -12.58
N ALA B 269 4.75 8.48 -12.96
CA ALA B 269 5.30 7.50 -13.88
C ALA B 269 6.45 6.71 -13.27
N PRO B 270 6.17 5.96 -12.19
CA PRO B 270 7.24 5.15 -11.55
C PRO B 270 7.77 4.02 -12.38
N LEU B 271 6.98 3.44 -13.28
CA LEU B 271 7.45 2.28 -14.01
C LEU B 271 8.65 2.65 -14.85
N LYS B 272 8.61 3.83 -15.51
CA LYS B 272 9.69 4.22 -16.37
C LYS B 272 10.64 5.21 -15.72
N HIS B 273 10.27 5.87 -14.65
CA HIS B 273 11.04 6.96 -14.08
C HIS B 273 11.23 6.84 -12.59
N GLY B 274 10.79 5.74 -12.00
CA GLY B 274 11.08 5.43 -10.61
C GLY B 274 12.18 4.40 -10.47
N ARG B 275 12.20 3.75 -9.30
CA ARG B 275 13.23 2.82 -8.85
C ARG B 275 12.54 1.74 -8.00
N VAL B 276 12.96 0.48 -8.17
CA VAL B 276 12.35 -0.61 -7.40
C VAL B 276 12.47 -0.35 -5.89
N GLY B 277 11.37 -0.62 -5.18
CA GLY B 277 11.30 -0.41 -3.74
C GLY B 277 10.34 -1.43 -3.14
N ILE B 278 10.19 -1.37 -1.83
CA ILE B 278 9.22 -2.23 -1.12
C ILE B 278 8.27 -1.33 -0.34
N TYR B 279 6.99 -1.36 -0.72
N TYR B 279 7.01 -1.33 -0.74
CA TYR B 279 5.96 -0.51 -0.16
CA TYR B 279 5.96 -0.62 -0.01
C TYR B 279 4.61 -1.02 -0.62
C TYR B 279 4.64 -1.02 -0.64
N PHE B 280 3.55 -0.64 0.10
N PHE B 280 3.55 -0.72 0.07
CA PHE B 280 2.17 -1.08 -0.23
CA PHE B 280 2.19 -1.10 -0.37
C PHE B 280 2.12 -2.59 -0.46
C PHE B 280 1.99 -2.60 -0.31
N GLY B 281 2.87 -3.33 0.33
CA GLY B 281 2.83 -4.77 0.34
C GLY B 281 3.51 -5.49 -0.77
N MET B 282 4.30 -4.80 -1.59
CA MET B 282 4.92 -5.41 -2.75
C MET B 282 6.26 -4.81 -3.05
N LYS B 283 7.04 -5.59 -3.81
CA LYS B 283 8.27 -5.08 -4.44
C LYS B 283 7.96 -4.62 -5.86
N ALA B 284 8.10 -3.32 -6.11
CA ALA B 284 7.63 -2.74 -7.35
C ALA B 284 8.34 -1.42 -7.57
N PRO B 285 8.39 -0.95 -8.83
CA PRO B 285 8.89 0.40 -9.12
C PRO B 285 8.10 1.44 -8.36
N MET B 286 8.83 2.37 -7.75
N MET B 286 8.80 2.40 -7.79
CA MET B 286 8.27 3.42 -6.92
CA MET B 286 8.07 3.47 -7.15
C MET B 286 8.87 4.77 -7.33
C MET B 286 8.88 4.75 -7.13
N MET B 287 8.15 5.83 -6.99
CA MET B 287 8.78 7.16 -6.91
C MET B 287 9.30 7.33 -5.49
N GLN B 288 10.62 7.50 -5.34
CA GLN B 288 11.19 7.61 -4.02
C GLN B 288 12.37 8.58 -4.05
N THR B 289 12.66 9.15 -2.89
CA THR B 289 13.87 9.95 -2.75
C THR B 289 15.11 9.07 -2.80
N ALA B 290 16.27 9.73 -2.93
CA ALA B 290 17.55 9.03 -2.86
C ALA B 290 17.68 8.17 -1.60
N ASP B 291 17.13 8.64 -0.49
CA ASP B 291 17.13 7.95 0.80
C ASP B 291 16.08 6.86 0.93
N GLY B 292 15.20 6.68 -0.04
CA GLY B 292 14.17 5.66 0.05
C GLY B 292 12.89 6.07 0.72
N GLN B 293 12.69 7.36 0.94
CA GLN B 293 11.37 7.83 1.32
C GLN B 293 10.47 7.82 0.10
N ILE B 294 9.19 7.56 0.31
CA ILE B 294 8.25 7.45 -0.80
C ILE B 294 7.85 8.87 -1.21
N GLU B 295 7.98 9.18 -2.50
CA GLU B 295 7.68 10.50 -3.02
C GLU B 295 6.19 10.63 -3.38
N GLU B 296 5.73 11.86 -3.44
CA GLU B 296 4.34 12.12 -3.85
C GLU B 296 4.30 12.22 -5.38
N SER B 297 3.26 11.62 -5.95
CA SER B 297 3.06 11.65 -7.39
C SER B 297 2.15 12.85 -7.72
N TYR B 298 1.98 13.11 -9.01
CA TYR B 298 1.02 14.15 -9.41
C TYR B 298 0.44 13.78 -10.76
N SER B 299 -0.88 13.98 -10.92
CA SER B 299 -1.51 13.93 -12.24
C SER B 299 -2.75 14.80 -12.19
N ILE B 300 -3.13 15.36 -13.35
CA ILE B 300 -4.44 16.00 -13.44
CA ILE B 300 -4.44 16.02 -13.42
C ILE B 300 -5.54 15.03 -13.07
N SER B 301 -5.33 13.75 -13.32
CA SER B 301 -6.34 12.71 -13.10
CA SER B 301 -6.33 12.71 -13.10
C SER B 301 -6.09 12.00 -11.78
N ALA B 302 -7.06 12.09 -10.87
CA ALA B 302 -6.84 11.54 -9.53
C ALA B 302 -6.61 10.04 -9.56
N GLY B 303 -7.21 9.37 -10.52
CA GLY B 303 -7.10 7.93 -10.61
C GLY B 303 -5.77 7.41 -11.05
N LEU B 304 -4.91 8.26 -11.61
CA LEU B 304 -3.57 7.88 -12.00
C LEU B 304 -2.53 8.39 -11.01
N ASP B 305 -2.95 9.10 -10.00
CA ASP B 305 -2.07 9.81 -9.07
C ASP B 305 -1.61 8.88 -7.94
N PHE B 306 -0.70 7.96 -8.30
CA PHE B 306 -0.27 6.93 -7.39
C PHE B 306 1.20 6.60 -7.65
N PRO B 307 2.10 6.74 -6.64
CA PRO B 307 3.53 6.71 -6.97
C PRO B 307 4.14 5.33 -7.10
N SER B 308 3.35 4.29 -7.33
CA SER B 308 3.88 2.96 -7.64
C SER B 308 2.99 2.35 -8.75
N VAL B 309 3.12 1.05 -9.00
CA VAL B 309 2.51 0.40 -10.14
C VAL B 309 2.52 -1.09 -9.82
N GLY B 310 1.54 -1.83 -10.35
CA GLY B 310 1.46 -3.25 -10.08
C GLY B 310 2.68 -4.01 -10.59
N PRO B 311 2.98 -5.14 -9.91
CA PRO B 311 4.22 -5.87 -10.23
C PRO B 311 4.15 -6.58 -11.56
N GLN B 312 2.97 -7.03 -12.02
CA GLN B 312 2.98 -7.70 -13.31
C GLN B 312 3.35 -6.76 -14.44
N HIS B 313 2.99 -5.49 -14.35
CA HIS B 313 3.42 -4.53 -15.37
C HIS B 313 4.93 -4.32 -15.32
N ALA B 314 5.45 -4.19 -14.11
CA ALA B 314 6.89 -4.12 -13.97
C ALA B 314 7.58 -5.30 -14.64
N TYR B 315 7.06 -6.48 -14.46
CA TYR B 315 7.63 -7.68 -15.06
C TYR B 315 7.47 -7.68 -16.57
N LEU B 316 6.27 -7.35 -17.07
CA LEU B 316 6.06 -7.38 -18.52
C LEU B 316 6.95 -6.37 -19.22
N ASN B 317 7.23 -5.25 -18.54
CA ASN B 317 8.19 -4.28 -19.08
C ASN B 317 9.59 -4.83 -19.11
N SER B 318 10.01 -5.43 -18.01
CA SER B 318 11.39 -5.88 -17.87
CA SER B 318 11.39 -5.91 -17.86
C SER B 318 11.77 -6.87 -18.97
N ILE B 319 10.85 -7.74 -19.36
CA ILE B 319 11.11 -8.74 -20.38
C ILE B 319 10.81 -8.20 -21.78
N GLY B 320 10.28 -6.97 -21.92
CA GLY B 320 10.00 -6.43 -23.24
C GLY B 320 8.68 -6.89 -23.86
N ARG B 321 7.81 -7.55 -23.09
CA ARG B 321 6.56 -7.96 -23.69
C ARG B 321 5.61 -6.77 -23.84
N ALA B 322 5.68 -5.83 -22.94
CA ALA B 322 4.83 -4.63 -22.96
C ALA B 322 5.75 -3.42 -22.91
N ASP B 323 5.29 -2.36 -23.55
CA ASP B 323 6.00 -1.10 -23.61
C ASP B 323 5.20 -0.05 -22.86
N TYR B 324 5.88 0.78 -22.11
CA TYR B 324 5.22 1.80 -21.32
C TYR B 324 5.73 3.17 -21.72
N VAL B 325 4.80 4.12 -21.76
CA VAL B 325 5.01 5.49 -22.19
C VAL B 325 4.30 6.42 -21.22
N SER B 326 4.47 7.73 -21.41
CA SER B 326 3.77 8.69 -20.56
C SER B 326 3.13 9.80 -21.38
N ILE B 327 2.05 10.35 -20.85
CA ILE B 327 1.26 11.37 -21.50
C ILE B 327 1.07 12.49 -20.49
N THR B 328 1.29 13.71 -20.90
CA THR B 328 1.16 14.85 -19.99
C THR B 328 -0.28 15.31 -19.80
N ASP B 329 -0.50 16.09 -18.73
CA ASP B 329 -1.84 16.67 -18.48
C ASP B 329 -2.39 17.28 -19.76
N ASP B 330 -1.59 18.13 -20.41
CA ASP B 330 -2.10 18.90 -21.56
C ASP B 330 -2.43 17.98 -22.72
N GLU B 331 -1.64 16.92 -22.95
CA GLU B 331 -1.98 15.97 -23.99
C GLU B 331 -3.26 15.22 -23.65
N ALA B 332 -3.43 14.81 -22.35
CA ALA B 332 -4.64 14.13 -21.95
C ALA B 332 -5.83 15.04 -22.16
N LEU B 333 -5.68 16.31 -21.83
CA LEU B 333 -6.81 17.24 -21.96
C LEU B 333 -7.22 17.45 -23.43
N GLU B 334 -6.25 17.57 -24.34
CA GLU B 334 -6.57 17.67 -25.75
C GLU B 334 -7.31 16.44 -26.22
N ALA B 335 -6.89 15.24 -25.80
CA ALA B 335 -7.59 14.03 -26.22
C ALA B 335 -9.01 13.94 -25.63
N PHE B 336 -9.19 14.42 -24.39
CA PHE B 336 -10.56 14.49 -23.82
C PHE B 336 -11.47 15.37 -24.70
N LYS B 337 -10.99 16.57 -25.05
CA LYS B 337 -11.78 17.49 -25.88
C LYS B 337 -12.05 16.90 -27.27
N THR B 338 -11.05 16.24 -27.84
CA THR B 338 -11.21 15.68 -29.17
C THR B 338 -12.25 14.59 -29.21
N LEU B 339 -12.26 13.71 -28.20
CA LEU B 339 -13.26 12.65 -28.15
C LEU B 339 -14.65 13.24 -27.96
N CYS B 340 -14.78 14.24 -27.08
CA CYS B 340 -16.10 14.83 -26.86
C CYS B 340 -16.66 15.41 -28.18
N ARG B 341 -15.84 16.18 -28.86
CA ARG B 341 -16.30 16.95 -30.01
C ARG B 341 -16.44 16.08 -31.25
N HIS B 342 -15.65 15.02 -31.38
CA HIS B 342 -15.64 14.31 -32.65
C HIS B 342 -16.26 12.92 -32.59
N GLU B 343 -16.48 12.35 -31.39
CA GLU B 343 -17.20 11.09 -31.31
C GLU B 343 -18.42 11.13 -30.39
N GLY B 344 -18.62 12.23 -29.69
CA GLY B 344 -19.72 12.37 -28.74
C GLY B 344 -19.56 11.44 -27.54
N ILE B 345 -18.33 11.13 -27.11
CA ILE B 345 -18.11 10.32 -25.90
C ILE B 345 -17.26 11.18 -24.98
N ILE B 346 -17.71 11.36 -23.74
CA ILE B 346 -16.95 12.12 -22.75
C ILE B 346 -16.14 11.12 -21.92
N PRO B 347 -14.84 11.05 -22.09
CA PRO B 347 -14.03 10.02 -21.47
C PRO B 347 -13.51 10.45 -20.12
N ALA B 348 -13.25 9.49 -19.25
CA ALA B 348 -12.53 9.84 -18.00
C ALA B 348 -11.16 10.45 -18.35
N LEU B 349 -10.72 11.36 -17.47
CA LEU B 349 -9.34 11.91 -17.69
C LEU B 349 -8.28 10.85 -17.60
N GLU B 350 -8.53 9.79 -16.83
CA GLU B 350 -7.58 8.66 -16.80
C GLU B 350 -7.43 8.04 -18.19
N SER B 351 -8.55 7.60 -18.76
CA SER B 351 -8.61 7.01 -20.08
C SER B 351 -8.12 7.99 -21.17
N SER B 352 -8.35 9.30 -20.97
CA SER B 352 -7.85 10.30 -21.91
C SER B 352 -6.34 10.22 -22.13
N HIS B 353 -5.61 9.70 -21.11
CA HIS B 353 -4.17 9.46 -21.34
C HIS B 353 -3.93 8.37 -22.36
N ALA B 354 -4.66 7.28 -22.28
CA ALA B 354 -4.51 6.24 -23.29
C ALA B 354 -4.89 6.71 -24.69
N LEU B 355 -6.09 7.32 -24.81
CA LEU B 355 -6.48 7.90 -26.09
C LEU B 355 -5.40 8.84 -26.65
N ALA B 356 -4.81 9.71 -25.80
CA ALA B 356 -3.85 10.68 -26.24
C ALA B 356 -2.63 10.00 -26.89
N HIS B 357 -2.23 8.88 -26.37
CA HIS B 357 -1.06 8.22 -26.93
C HIS B 357 -1.46 7.58 -28.27
N ALA B 358 -2.70 7.05 -28.36
CA ALA B 358 -3.09 6.51 -29.64
C ALA B 358 -3.18 7.61 -30.69
N LEU B 359 -3.62 8.81 -30.29
CA LEU B 359 -3.68 9.90 -31.25
C LEU B 359 -2.30 10.30 -31.76
N LYS B 360 -1.33 10.24 -30.86
CA LYS B 360 0.05 10.46 -31.20
C LYS B 360 0.56 9.42 -32.17
N MET B 361 0.29 8.15 -31.92
CA MET B 361 0.71 7.12 -32.84
C MET B 361 0.12 7.33 -34.22
N MET B 362 -1.15 7.76 -34.29
CA MET B 362 -1.77 8.02 -35.58
CA MET B 362 -1.76 8.01 -35.58
C MET B 362 -1.21 9.27 -36.25
N ARG B 363 -1.11 10.36 -35.50
CA ARG B 363 -0.68 11.63 -36.08
C ARG B 363 0.79 11.64 -36.46
N GLU B 364 1.63 10.94 -35.70
CA GLU B 364 3.09 10.97 -35.99
C GLU B 364 3.39 10.20 -37.27
N GLN B 365 2.58 9.19 -37.59
CA GLN B 365 2.85 8.29 -38.73
C GLN B 365 1.55 8.07 -39.44
N PRO B 366 1.04 9.10 -40.09
CA PRO B 366 -0.38 9.03 -40.61
C PRO B 366 -0.58 8.10 -41.78
N GLU B 367 0.47 7.67 -42.45
CA GLU B 367 0.44 6.72 -43.55
C GLU B 367 0.79 5.27 -43.07
N LYS B 368 0.97 5.08 -41.80
CA LYS B 368 1.18 3.73 -41.24
C LYS B 368 -0.18 3.04 -41.05
N GLU B 369 -0.34 1.90 -41.70
CA GLU B 369 -1.59 1.15 -41.51
C GLU B 369 -1.52 0.42 -40.17
N GLN B 370 -2.46 0.70 -39.30
CA GLN B 370 -2.42 0.06 -37.99
C GLN B 370 -3.82 -0.02 -37.42
N LEU B 371 -4.06 -1.11 -36.73
CA LEU B 371 -5.35 -1.41 -36.06
C LEU B 371 -5.10 -1.35 -34.57
N LEU B 372 -5.65 -0.32 -33.91
CA LEU B 372 -5.40 -0.02 -32.50
C LEU B 372 -6.69 -0.19 -31.69
N VAL B 373 -6.57 -0.64 -30.46
CA VAL B 373 -7.68 -0.68 -29.51
C VAL B 373 -7.27 0.12 -28.29
N VAL B 374 -8.03 1.14 -27.96
CA VAL B 374 -7.86 1.88 -26.70
C VAL B 374 -8.89 1.38 -25.70
N ASN B 375 -8.43 1.07 -24.45
CA ASN B 375 -9.41 0.73 -23.40
C ASN B 375 -9.94 2.05 -22.88
N LEU B 376 -11.22 2.32 -23.12
CA LEU B 376 -11.85 3.48 -22.52
C LEU B 376 -12.34 3.05 -21.14
N SER B 377 -11.48 3.21 -20.14
CA SER B 377 -11.71 2.60 -18.83
C SER B 377 -12.89 3.19 -18.07
N GLY B 378 -13.22 4.47 -18.31
CA GLY B 378 -14.33 5.10 -17.63
C GLY B 378 -14.91 6.30 -18.36
N ARG B 379 -16.08 6.74 -17.93
CA ARG B 379 -16.65 7.96 -18.48
CA ARG B 379 -16.65 7.95 -18.46
C ARG B 379 -16.21 9.15 -17.64
N GLY B 380 -16.32 10.33 -18.25
CA GLY B 380 -15.76 11.53 -17.71
C GLY B 380 -16.72 12.46 -17.04
N ASP B 381 -17.95 12.00 -16.73
CA ASP B 381 -18.87 12.82 -15.94
C ASP B 381 -18.23 13.35 -14.67
N LYS B 382 -17.42 12.54 -14.02
CA LYS B 382 -16.86 13.00 -12.77
C LYS B 382 -15.85 14.12 -12.98
N ASP B 383 -15.38 14.28 -14.21
CA ASP B 383 -14.26 15.19 -14.51
C ASP B 383 -14.69 16.52 -15.12
N ILE B 384 -15.99 16.75 -15.33
CA ILE B 384 -16.34 17.93 -16.11
C ILE B 384 -16.10 19.19 -15.33
N PHE B 385 -16.18 19.13 -14.01
CA PHE B 385 -15.85 20.30 -13.19
C PHE B 385 -14.33 20.59 -13.20
N THR B 386 -13.51 19.55 -12.99
CA THR B 386 -12.06 19.72 -13.16
C THR B 386 -11.74 20.37 -14.51
N VAL B 387 -12.32 19.84 -15.58
CA VAL B 387 -12.03 20.34 -16.91
C VAL B 387 -12.56 21.75 -17.09
N HIS B 388 -13.75 22.05 -16.54
CA HIS B 388 -14.29 23.40 -16.67
C HIS B 388 -13.37 24.43 -16.01
N ASP B 389 -12.89 24.14 -14.81
CA ASP B 389 -12.05 25.12 -14.11
C ASP B 389 -10.70 25.30 -14.80
N ILE B 390 -10.21 24.26 -15.48
CA ILE B 390 -8.99 24.42 -16.28
C ILE B 390 -9.25 25.30 -17.50
N LEU B 391 -10.30 24.99 -18.27
CA LEU B 391 -10.58 25.83 -19.43
C LEU B 391 -10.96 27.24 -19.02
N LYS B 392 -11.44 27.43 -17.80
CA LYS B 392 -11.78 28.80 -17.37
C LYS B 392 -10.51 29.58 -17.04
N ALA B 393 -9.52 28.93 -16.45
CA ALA B 393 -8.26 29.57 -16.11
C ALA B 393 -7.35 29.82 -17.32
N ARG B 394 -7.66 29.22 -18.47
CA ARG B 394 -6.88 29.43 -19.68
CA ARG B 394 -6.89 29.43 -19.69
C ARG B 394 -7.60 30.33 -20.69
N GLY B 395 -8.70 30.95 -20.29
CA GLY B 395 -9.41 31.83 -21.20
C GLY B 395 -10.00 31.12 -22.40
N GLU B 396 -9.95 29.78 -22.40
CA GLU B 396 -10.55 29.03 -23.50
C GLU B 396 -12.08 29.12 -23.47
N ILE B 397 -12.65 29.27 -22.28
CA ILE B 397 -14.10 29.44 -22.14
C ILE B 397 -14.37 30.46 -21.04
S DMS C . 27.30 -5.80 16.32
O DMS C . 27.61 -4.84 17.42
C1 DMS C . 26.84 -7.39 17.08
C2 DMS C . 28.85 -6.29 15.51
H11 DMS C . 26.90 -8.16 16.36
H12 DMS C . 25.85 -7.33 17.45
H13 DMS C . 27.50 -7.61 17.88
H21 DMS C . 28.66 -7.00 14.76
H22 DMS C . 29.31 -5.43 15.07
H23 DMS C . 29.51 -6.71 16.23
S DMS D . 22.89 -13.12 16.57
O DMS D . 23.49 -12.41 17.76
C1 DMS D . 23.38 -14.87 16.57
C2 DMS D . 23.72 -12.54 15.06
H11 DMS D . 24.43 -14.94 16.40
H12 DMS D . 22.87 -15.38 15.80
H13 DMS D . 23.15 -15.31 17.51
H21 DMS D . 24.73 -12.86 15.06
H22 DMS D . 23.22 -12.91 14.21
H23 DMS D . 23.69 -11.47 15.04
C3 1GP E . 7.50 -0.43 19.18
O3 1GP E . 5.97 1.39 19.30
C2 1GP E . 6.02 -0.02 19.33
O2 1GP E . 7.53 -1.78 18.82
C1 1GP E . 5.35 -0.56 20.56
O1P 1GP E . 3.94 -0.35 20.46
O2P 1GP E . 1.74 0.70 21.14
O3P 1GP E . 3.71 0.92 22.62
O4P 1GP E . 3.61 2.19 20.55
P 1GP E . 3.26 0.89 21.15
H31 1GP E . 7.99 0.17 18.41
H32 1GP E . 8.05 -0.27 20.11
HO3 1GP E . 5.28 1.71 19.92
H2 1GP E . 5.47 -0.48 18.51
HO2 1GP E . 7.56 -2.33 19.64
H11 1GP E . 5.74 -0.07 21.44
H12 1GP E . 5.57 -1.64 20.65
N03 VB4 F . -9.56 4.63 -15.19
N03 VB4 F . -9.53 4.40 -15.16
C02 VB4 F . -10.40 5.05 -14.26
C02 VB4 F . -10.38 4.81 -14.25
C01 VB4 F . -11.79 5.50 -14.67
C01 VB4 F . -11.80 5.17 -14.70
C29 VB4 F . -10.08 5.06 -12.92
C29 VB4 F . -10.06 4.88 -12.91
O30 VB4 F . -11.01 5.48 -11.96
O30 VB4 F . -11.01 5.28 -11.96
C12 VB4 F . -8.81 4.64 -12.53
C12 VB4 F . -8.77 4.53 -12.50
C13 VB4 F . -8.38 4.62 -11.08
C13 VB4 F . -8.34 4.59 -11.06
C05 VB4 F . -7.94 4.22 -13.52
C05 VB4 F . -7.89 4.12 -13.49
C04 VB4 F . -8.33 4.22 -14.84
C04 VB4 F . -8.28 4.07 -14.80
C06 VB4 F . -6.54 3.77 -13.13
C06 VB4 F . -6.46 3.76 -13.08
O07 VB4 F . -6.63 2.65 -12.25
O07 VB4 F . -6.41 2.56 -12.32
P08 VB4 F . -5.90 1.28 -12.64
P08 VB4 F . -6.04 1.18 -13.08
O11 VB4 F . -4.41 1.67 -12.97
O11 VB4 F . -4.59 1.24 -13.63
O09 VB4 F . -6.44 0.59 -13.91
O09 VB4 F . -7.06 0.88 -14.18
O10 VB4 F . -5.93 0.35 -11.49
O10 VB4 F . -6.05 0.06 -12.10
N14 VB4 F . -9.14 5.00 -10.14
N14 VB4 F . -9.18 4.48 -10.14
C15 VB4 F . -8.58 4.89 -8.79
C15 VB4 F . -8.81 4.48 -8.72
C26 VB4 F . -9.49 5.64 -7.85
C26 VB4 F . -10.03 4.95 -7.93
O28 VB4 F . -9.13 6.71 -7.35
O28 VB4 F . -9.93 5.17 -6.70
C16 VB4 F . -8.54 3.41 -8.40
C16 VB4 F . -8.44 3.04 -8.42
C17 VB4 F . -7.69 3.04 -7.17
C17 VB4 F . -7.63 2.78 -7.14
C18 VB4 F . -8.18 2.70 -5.92
C18 VB4 F . -8.14 2.47 -5.89
C21 VB4 F . -6.28 2.94 -7.11
C21 VB4 F . -6.22 2.77 -7.03
N19 VB4 F . -7.14 2.41 -5.11
N19 VB4 F . -7.12 2.29 -5.04
C20 VB4 F . -5.97 2.56 -5.83
C20 VB4 F . -5.93 2.48 -5.73
C22 VB4 F . -5.25 3.16 -8.06
C22 VB4 F . -5.17 3.00 -7.96
C25 VB4 F . -4.62 2.38 -5.42
C25 VB4 F . -4.59 2.41 -5.27
C23 VB4 F . -3.92 2.99 -7.64
C23 VB4 F . -3.85 2.93 -7.50
C24 VB4 F . -3.64 2.60 -6.36
C24 VB4 F . -3.58 2.63 -6.18
O27 VB4 F . -10.61 5.15 -7.57
O27 VB4 F . -11.12 5.17 -8.53
H011 VB4 F . -11.89 6.44 -14.49
H011 VB4 F . -11.90 6.13 -14.70
H012 VB4 F . -12.45 5.01 -14.16
H012 VB4 F . -12.44 4.78 -14.07
H013 VB4 F . -11.93 5.33 -15.61
H013 VB4 F . -11.96 4.81 -15.58
H301 VB4 F . -10.91 6.32 -11.82
H301 VB4 F . -11.07 6.14 -11.97
H131 VB4 F . -7.53 4.31 -10.87
H131 VB4 F . -7.44 4.71 -10.85
H041 VB4 F . -7.73 3.94 -15.50
H041 VB4 F . -7.67 3.79 -15.46
H061 VB4 F . -6.08 4.49 -12.67
H061 VB4 F . -6.10 4.48 -12.55
H062 VB4 F . -6.05 3.51 -13.92
H062 VB4 F . -5.93 3.63 -13.88
H151 VB4 F . -7.69 5.27 -8.74
H151 VB4 F . -8.07 5.08 -8.49
H161 VB4 F . -9.45 3.11 -8.24
H161 VB4 F . -9.27 2.53 -8.34
H162 VB4 F . -8.19 2.92 -9.16
H162 VB4 F . -7.92 2.70 -9.17
H181 VB4 F . -9.07 2.67 -5.68
H181 VB4 F . -9.04 2.40 -5.67
H191 VB4 F . -7.20 2.16 -4.28
H191 VB4 F . -7.18 2.09 -4.21
H221 VB4 F . -5.45 3.41 -8.94
H221 VB4 F . -5.36 3.20 -8.85
H251 VB4 F . -4.41 2.12 -4.55
H251 VB4 F . -4.40 2.20 -4.38
H231 VB4 F . -3.22 3.13 -8.24
H231 VB4 F . -3.15 3.08 -8.08
H241 VB4 F . -2.75 2.49 -6.11
H241 VB4 F . -2.70 2.58 -5.89
NA NA G . 1.16 4.63 -10.76
S DMS H . 3.72 -21.61 -5.86
O DMS H . 4.24 -21.72 -7.27
C1 DMS H . 4.96 -20.72 -4.89
C2 DMS H . 3.71 -23.23 -5.04
H11 DMS H . 4.63 -20.63 -3.88
H12 DMS H . 5.88 -21.23 -4.92
H13 DMS H . 5.10 -19.75 -5.29
H21 DMS H . 3.12 -23.18 -4.17
H22 DMS H . 3.30 -23.95 -5.71
H23 DMS H . 4.71 -23.49 -4.79
S DMS I . -5.77 -19.07 -11.65
O DMS I . -4.62 -18.09 -11.65
C1 DMS I . -7.35 -18.22 -12.02
C2 DMS I . -6.09 -19.77 -10.00
H11 DMS I . -7.35 -17.90 -13.03
H12 DMS I . -8.15 -18.89 -11.86
H13 DMS I . -7.45 -17.38 -11.38
H21 DMS I . -6.70 -20.63 -10.09
H22 DMS I . -6.59 -19.04 -9.41
H23 DMS I . -5.17 -20.02 -9.55
S DMS J . -8.72 4.25 -41.78
O DMS J . -9.70 3.39 -41.02
C1 DMS J . -9.48 5.87 -42.07
C2 DMS J . -8.54 3.59 -43.46
H11 DMS J . -9.46 6.44 -41.18
H12 DMS J . -8.95 6.38 -42.83
H13 DMS J . -10.49 5.74 -42.37
H21 DMS J . -9.48 3.59 -43.95
H22 DMS J . -8.18 2.59 -43.41
H23 DMS J . -7.86 4.19 -44.00
S DMS K . 5.30 14.88 -36.99
O DMS K . 4.88 15.07 -35.56
C1 DMS K . 3.84 14.65 -38.07
C2 DMS K . 6.09 13.24 -37.10
H11 DMS K . 3.36 13.75 -37.80
H12 DMS K . 4.14 14.62 -39.08
H13 DMS K . 3.17 15.47 -37.91
H21 DMS K . 6.87 13.17 -36.39
H22 DMS K . 5.37 12.49 -36.90
H23 DMS K . 6.48 13.09 -38.08
S DMS L . -19.11 -10.79 -26.70
O DMS L . -20.28 -11.24 -27.54
C1 DMS L . -18.70 -12.07 -25.48
C2 DMS L . -17.63 -10.89 -27.72
H11 DMS L . -18.04 -12.77 -25.92
H12 DMS L . -18.24 -11.63 -24.65
H13 DMS L . -19.59 -12.57 -25.18
H21 DMS L . -17.68 -10.16 -28.48
H22 DMS L . -16.78 -10.74 -27.12
H23 DMS L . -17.58 -11.85 -28.16
S DMS M . -21.62 11.41 -21.38
O DMS M . -22.75 12.38 -21.25
C1 DMS M . -21.21 11.17 -23.14
C2 DMS M . -22.14 9.74 -20.91
H11 DMS M . -21.01 12.12 -23.58
H12 DMS M . -20.36 10.55 -23.23
H13 DMS M . -22.03 10.72 -23.64
H21 DMS M . -23.19 9.73 -20.73
H22 DMS M . -21.92 9.07 -21.70
H23 DMS M . -21.64 9.44 -20.04
S DMS N . -17.08 -14.62 -15.64
O DMS N . -17.10 -14.32 -17.11
C1 DMS N . -15.36 -14.44 -15.08
C2 DMS N . -17.35 -16.39 -15.34
H11 DMS N . -14.73 -15.10 -15.61
H12 DMS N . -15.30 -14.67 -14.04
H13 DMS N . -15.03 -13.44 -15.24
H21 DMS N . -18.25 -16.68 -15.81
H22 DMS N . -16.54 -16.94 -15.74
H23 DMS N . -17.41 -16.56 -14.29
S DMS O . -6.95 2.36 11.90
O DMS O . -6.90 3.39 10.80
C1 DMS O . -8.69 2.04 12.37
C2 DMS O . -6.37 3.02 13.48
H11 DMS O . -9.25 1.76 11.50
H12 DMS O . -8.73 1.26 13.08
H13 DMS O . -9.11 2.91 12.79
H21 DMS O . -6.61 4.04 13.55
H22 DMS O . -6.82 2.49 14.28
H23 DMS O . -5.31 2.91 13.53
#